data_9GOF
#
_entry.id   9GOF
#
_cell.length_a   235.185
_cell.length_b   235.185
_cell.length_c   132.008
_cell.angle_alpha   90.000
_cell.angle_beta   90.000
_cell.angle_gamma   120.000
#
_symmetry.space_group_name_H-M   'P 65 2 2'
#
loop_
_entity.id
_entity.type
_entity.pdbx_description
1 polymer 'Sll1358 protein'
2 non-polymer 'NICKEL (II) ION'
3 non-polymer GLYCINE
4 non-polymer 'PENTAETHYLENE GLYCOL'
5 non-polymer 'ACETIC ACID'
6 water water
#
_entity_poly.entity_id   1
_entity_poly.type   'polypeptide(L)'
_entity_poly.pdbx_seq_one_letter_code
;MQSEQWRSLSNVVWGKDLPAFTYAFSKTPLVLYDGGTTKQVGTYNFPVSKGMAGVYMSLEPGAIRELHWHANAAEWAYVM
EGRTRITLTSPEGKVEIADVDKGGLWYFPRGWGHSIEGIGPDTAKFLLVFNDGTFSEGATFSVTDWLSHTPIAWVEENLG
WTAAQVAQLPKKQVYISSYGPASGPLASATPQGQTAKIEVPHTHNLLGQQPLVSLGGNELRLASAKEFPGSFNMTGALIH
LEPGAMRQLHWHPNADEWQYVLDGEMDLTVFASEGKASVSRLQQGDVGYVPKGYGHAIRNSSQKPLDIVVVFNDGDYQSI
DLSTWLASNPSSVLGNTFQISPELTKKLPVQDTIFSLPTQP
;
_entity_poly.pdbx_strand_id   A,B,C
#
loop_
_chem_comp.id
_chem_comp.type
_chem_comp.name
_chem_comp.formula
1PE non-polymer 'PENTAETHYLENE GLYCOL' 'C10 H22 O6'
ACY non-polymer 'ACETIC ACID' 'C2 H4 O2'
NI non-polymer 'NICKEL (II) ION' 'Ni 2'
#
# COMPACT_ATOMS: atom_id res chain seq x y z
N TRP A 6 21.66 33.46 -8.19
N TRP A 6 21.64 33.79 -8.12
CA TRP A 6 22.20 32.18 -8.63
CA TRP A 6 22.01 32.48 -8.64
C TRP A 6 21.90 31.92 -10.10
C TRP A 6 21.72 32.37 -10.15
N ARG A 7 22.75 32.43 -10.99
CA ARG A 7 22.53 32.25 -12.43
C ARG A 7 22.52 30.77 -12.79
N SER A 8 21.72 30.43 -13.81
CA SER A 8 21.62 29.07 -14.35
C SER A 8 21.77 29.11 -15.85
N LEU A 9 22.08 27.95 -16.45
CA LEU A 9 22.21 27.90 -17.91
C LEU A 9 20.89 28.17 -18.61
N SER A 10 19.78 27.73 -18.01
CA SER A 10 18.45 27.91 -18.59
C SER A 10 17.85 29.27 -18.32
N ASN A 11 18.39 30.02 -17.36
CA ASN A 11 17.76 31.25 -16.86
C ASN A 11 16.37 30.99 -16.32
N VAL A 12 16.18 29.81 -15.72
CA VAL A 12 14.90 29.48 -15.11
C VAL A 12 14.52 30.54 -14.08
N VAL A 13 13.24 30.87 -14.04
CA VAL A 13 12.73 31.68 -12.95
C VAL A 13 12.60 30.76 -11.74
N TRP A 14 13.49 30.92 -10.76
CA TRP A 14 13.50 30.03 -9.61
C TRP A 14 12.14 30.07 -8.91
N GLY A 15 11.59 28.88 -8.63
CA GLY A 15 10.32 28.77 -7.92
C GLY A 15 9.08 28.90 -8.78
N LYS A 16 9.21 29.28 -10.05
CA LYS A 16 8.03 29.46 -10.89
C LYS A 16 7.31 28.13 -11.08
N ASP A 17 5.99 28.13 -10.86
CA ASP A 17 5.12 26.98 -11.07
C ASP A 17 5.41 25.83 -10.12
N LEU A 18 6.00 26.12 -8.96
CA LEU A 18 6.32 25.10 -7.97
C LEU A 18 5.82 25.51 -6.60
N PRO A 19 5.51 24.53 -5.74
CA PRO A 19 5.25 24.85 -4.33
C PRO A 19 6.53 25.28 -3.63
N ALA A 20 6.38 25.92 -2.48
CA ALA A 20 7.53 26.16 -1.62
C ALA A 20 8.14 24.84 -1.17
N PHE A 21 9.47 24.75 -1.20
CA PHE A 21 10.18 23.61 -0.63
C PHE A 21 10.84 23.94 0.70
N THR A 22 10.65 25.16 1.20
CA THR A 22 11.13 25.53 2.52
C THR A 22 10.02 26.25 3.26
N TYR A 23 10.13 26.20 4.58
CA TYR A 23 9.14 26.80 5.47
C TYR A 23 9.89 27.55 6.56
N ALA A 24 9.51 28.80 6.81
CA ALA A 24 10.15 29.64 7.83
C ALA A 24 9.68 29.25 9.23
N PHE A 25 9.99 28.00 9.58
CA PHE A 25 9.57 27.43 10.86
C PHE A 25 10.15 28.20 12.04
N SER A 26 11.31 28.84 11.85
CA SER A 26 11.91 29.64 12.91
C SER A 26 11.01 30.77 13.36
N LYS A 27 10.11 31.22 12.49
CA LYS A 27 9.21 32.33 12.80
C LYS A 27 7.84 31.87 13.29
N THR A 28 7.58 30.56 13.28
CA THR A 28 6.30 30.04 13.76
C THR A 28 6.23 30.22 15.28
N PRO A 29 5.19 30.84 15.81
CA PRO A 29 5.14 31.07 17.26
C PRO A 29 4.95 29.77 18.02
N LEU A 30 5.55 29.72 19.20
CA LEU A 30 5.35 28.59 20.09
C LEU A 30 3.98 28.66 20.75
N VAL A 31 3.42 27.48 21.00
CA VAL A 31 2.26 27.32 21.85
C VAL A 31 2.78 26.93 23.23
N LEU A 32 2.30 27.61 24.26
CA LEU A 32 2.88 27.53 25.60
C LEU A 32 2.00 26.68 26.52
N TYR A 33 2.63 25.68 27.15
CA TYR A 33 1.97 24.79 28.10
C TYR A 33 2.69 24.90 29.43
N ASP A 34 2.16 24.19 30.43
CA ASP A 34 2.75 24.25 31.77
C ASP A 34 3.99 23.38 31.83
N GLY A 35 5.12 24.02 31.56
CA GLY A 35 6.41 23.34 31.54
C GLY A 35 6.85 22.87 30.19
N GLY A 36 6.13 23.23 29.12
CA GLY A 36 6.54 22.79 27.80
C GLY A 36 6.08 23.78 26.74
N THR A 37 6.68 23.65 25.55
CA THR A 37 6.26 24.43 24.39
C THR A 37 6.25 23.53 23.17
N THR A 38 5.45 23.91 22.17
CA THR A 38 5.43 23.13 20.93
C THR A 38 4.99 24.00 19.76
N LYS A 39 5.39 23.59 18.56
CA LYS A 39 4.92 24.18 17.31
C LYS A 39 5.09 23.11 16.24
N GLN A 40 4.43 23.28 15.09
CA GLN A 40 4.44 22.16 14.13
C GLN A 40 4.30 22.65 12.70
N VAL A 41 4.74 21.81 11.78
CA VAL A 41 4.70 22.13 10.35
C VAL A 41 4.35 20.86 9.57
N GLY A 42 3.30 20.94 8.76
CA GLY A 42 2.77 19.81 8.01
C GLY A 42 2.02 20.36 6.82
N THR A 43 1.20 19.50 6.18
CA THR A 43 0.54 19.93 4.95
C THR A 43 -0.40 21.10 5.20
N TYR A 44 -0.88 21.26 6.43
CA TYR A 44 -1.80 22.34 6.76
C TYR A 44 -1.18 23.72 6.60
N ASN A 45 0.14 23.86 6.78
CA ASN A 45 0.80 25.15 6.54
C ASN A 45 1.95 25.09 5.54
N PHE A 46 2.30 23.90 5.05
CA PHE A 46 3.47 23.68 4.20
C PHE A 46 3.03 22.63 3.20
N PRO A 47 2.31 23.05 2.15
CA PRO A 47 1.52 22.09 1.35
C PRO A 47 2.32 20.97 0.71
N VAL A 48 3.60 21.21 0.38
CA VAL A 48 4.39 20.18 -0.29
C VAL A 48 4.68 19.00 0.62
N SER A 49 4.58 19.19 1.94
CA SER A 49 5.13 18.25 2.92
C SER A 49 4.17 17.08 3.19
N LYS A 50 3.86 16.32 2.14
CA LYS A 50 2.81 15.31 2.26
C LYS A 50 3.25 14.08 3.05
N GLY A 51 4.53 13.71 2.98
CA GLY A 51 4.96 12.44 3.55
C GLY A 51 5.31 12.49 5.02
N MET A 52 5.65 13.68 5.51
CA MET A 52 6.17 13.80 6.87
C MET A 52 5.70 15.14 7.43
N ALA A 53 5.42 15.16 8.73
CA ALA A 53 5.19 16.40 9.45
C ALA A 53 6.22 16.51 10.57
N GLY A 54 6.56 17.73 10.94
CA GLY A 54 7.56 17.98 11.97
C GLY A 54 6.99 18.75 13.14
N VAL A 55 7.42 18.39 14.34
CA VAL A 55 6.98 19.05 15.57
C VAL A 55 8.23 19.44 16.36
N TYR A 56 8.29 20.69 16.78
CA TYR A 56 9.26 21.11 17.78
C TYR A 56 8.61 21.01 19.15
N MET A 57 9.34 20.46 20.13
CA MET A 57 8.77 20.45 21.48
C MET A 57 9.87 20.62 22.51
N SER A 58 9.56 21.33 23.60
CA SER A 58 10.48 21.46 24.72
C SER A 58 9.76 21.04 25.99
N LEU A 59 10.53 20.49 26.94
CA LEU A 59 10.00 20.08 28.23
C LEU A 59 10.96 20.50 29.32
N GLU A 60 10.46 21.26 30.28
CA GLU A 60 11.26 21.65 31.43
CA GLU A 60 11.22 21.67 31.46
C GLU A 60 11.44 20.45 32.35
N PRO A 61 12.39 20.53 33.29
CA PRO A 61 12.59 19.40 34.21
C PRO A 61 11.30 19.04 34.94
N GLY A 62 10.94 17.75 34.89
CA GLY A 62 9.73 17.27 35.52
C GLY A 62 8.46 17.49 34.73
N ALA A 63 8.52 18.17 33.60
CA ALA A 63 7.36 18.29 32.73
C ALA A 63 7.23 17.04 31.87
N ILE A 64 6.01 16.53 31.74
CA ILE A 64 5.75 15.32 30.98
C ILE A 64 4.75 15.61 29.87
N ARG A 65 5.07 15.14 28.67
CA ARG A 65 4.10 14.96 27.60
C ARG A 65 3.34 13.69 27.93
N GLU A 66 2.06 13.82 28.30
CA GLU A 66 1.31 12.76 28.94
C GLU A 66 1.20 11.52 28.06
N LEU A 67 0.84 10.42 28.70
CA LEU A 67 0.57 9.17 28.00
C LEU A 67 -0.44 9.38 26.88
N HIS A 68 -0.06 9.02 25.65
CA HIS A 68 -0.94 9.19 24.51
C HIS A 68 -0.54 8.19 23.43
N TRP A 69 -1.33 8.15 22.36
CA TRP A 69 -1.00 7.32 21.20
C TRP A 69 -1.53 7.98 19.94
N HIS A 70 -1.05 7.51 18.79
CA HIS A 70 -1.57 8.01 17.52
C HIS A 70 -1.31 6.93 16.47
N ALA A 71 -2.36 6.19 16.12
CA ALA A 71 -2.22 5.08 15.19
C ALA A 71 -2.01 5.52 13.76
N ASN A 72 -2.17 6.83 13.47
CA ASN A 72 -2.01 7.35 12.12
C ASN A 72 -0.56 7.69 11.77
N ALA A 73 0.38 7.63 12.72
CA ALA A 73 1.73 8.08 12.41
C ALA A 73 2.75 7.41 13.33
N ALA A 74 3.84 6.92 12.73
CA ALA A 74 5.02 6.62 13.51
C ALA A 74 5.73 7.92 13.89
N GLU A 75 6.46 7.88 15.00
CA GLU A 75 7.08 9.05 15.62
C GLU A 75 8.58 8.82 15.74
N TRP A 76 9.36 9.61 15.00
CA TRP A 76 10.82 9.57 15.02
C TRP A 76 11.30 10.85 15.67
N ALA A 77 12.28 10.76 16.56
CA ALA A 77 12.69 11.93 17.33
C ALA A 77 14.21 12.12 17.30
N TYR A 78 14.62 13.39 17.35
CA TYR A 78 16.03 13.78 17.55
C TYR A 78 16.08 14.77 18.71
N VAL A 79 16.84 14.44 19.75
CA VAL A 79 16.96 15.34 20.90
C VAL A 79 18.07 16.34 20.62
N MET A 80 17.71 17.63 20.56
CA MET A 80 18.68 18.68 20.26
C MET A 80 19.44 19.18 21.48
N GLU A 81 18.79 19.19 22.65
CA GLU A 81 19.38 19.72 23.87
C GLU A 81 18.77 18.98 25.04
N GLY A 82 19.55 18.81 26.09
CA GLY A 82 19.02 18.28 27.34
C GLY A 82 18.88 16.77 27.34
N ARG A 83 17.96 16.32 28.19
CA ARG A 83 17.75 14.89 28.42
C ARG A 83 16.27 14.61 28.59
N THR A 84 15.79 13.51 28.00
CA THR A 84 14.42 13.07 28.17
C THR A 84 14.39 11.66 28.72
N ARG A 85 13.23 11.29 29.26
CA ARG A 85 12.92 9.90 29.53
C ARG A 85 11.64 9.52 28.83
N ILE A 86 11.66 8.40 28.12
CA ILE A 86 10.48 7.97 27.38
C ILE A 86 9.95 6.68 28.00
N THR A 87 8.65 6.47 27.88
CA THR A 87 8.09 5.14 28.06
C THR A 87 7.32 4.79 26.79
N LEU A 88 7.28 3.49 26.49
CA LEU A 88 6.74 3.00 25.22
C LEU A 88 6.16 1.62 25.49
N THR A 89 4.88 1.42 25.18
CA THR A 89 4.19 0.15 25.47
C THR A 89 3.63 -0.41 24.18
N SER A 90 3.93 -1.68 23.93
CA SER A 90 3.61 -2.36 22.67
C SER A 90 2.36 -3.20 22.81
N PRO A 91 1.78 -3.65 21.67
CA PRO A 91 0.66 -4.61 21.75
C PRO A 91 1.04 -5.97 22.30
N GLU A 92 2.32 -6.29 22.40
CA GLU A 92 2.71 -7.51 23.11
C GLU A 92 2.61 -7.35 24.62
N GLY A 93 2.21 -6.18 25.11
CA GLY A 93 2.16 -5.93 26.53
C GLY A 93 3.52 -5.71 27.16
N LYS A 94 4.51 -5.32 26.37
CA LYS A 94 5.87 -5.11 26.86
C LYS A 94 6.18 -3.61 26.85
N VAL A 95 7.15 -3.21 27.67
CA VAL A 95 7.42 -1.79 27.86
C VAL A 95 8.91 -1.51 27.71
N GLU A 96 9.21 -0.32 27.19
CA GLU A 96 10.57 0.19 27.12
C GLU A 96 10.59 1.51 27.89
N ILE A 97 11.48 1.61 28.87
CA ILE A 97 11.66 2.83 29.65
C ILE A 97 13.12 3.21 29.51
N ALA A 98 13.40 4.40 28.97
CA ALA A 98 14.77 4.69 28.57
C ALA A 98 15.03 6.19 28.62
N ASP A 99 16.29 6.54 28.90
CA ASP A 99 16.75 7.92 28.77
C ASP A 99 17.24 8.16 27.35
N VAL A 100 16.92 9.33 26.80
CA VAL A 100 17.45 9.76 25.51
C VAL A 100 18.05 11.14 25.68
N ASP A 101 19.36 11.23 25.48
CA ASP A 101 20.10 12.48 25.69
C ASP A 101 20.31 13.19 24.35
N LYS A 102 20.86 14.40 24.43
CA LYS A 102 21.20 15.16 23.24
C LYS A 102 21.93 14.29 22.22
N GLY A 103 21.47 14.34 20.98
CA GLY A 103 22.04 13.54 19.91
C GLY A 103 21.41 12.17 19.78
N GLY A 104 20.49 11.81 20.67
CA GLY A 104 19.83 10.52 20.62
C GLY A 104 18.50 10.58 19.91
N LEU A 105 18.02 9.39 19.53
CA LEU A 105 16.77 9.20 18.81
C LEU A 105 15.81 8.33 19.61
N TRP A 106 14.52 8.47 19.29
CA TRP A 106 13.58 7.38 19.57
C TRP A 106 12.69 7.16 18.36
N TYR A 107 12.08 5.97 18.31
CA TYR A 107 11.09 5.64 17.29
C TYR A 107 9.95 4.93 17.98
N PHE A 108 8.76 5.52 17.91
CA PHE A 108 7.55 4.91 18.46
C PHE A 108 6.70 4.38 17.31
N PRO A 109 6.56 3.07 17.17
CA PRO A 109 5.73 2.54 16.07
C PRO A 109 4.29 3.05 16.17
N ARG A 110 3.65 3.15 15.00
CA ARG A 110 2.27 3.63 14.91
C ARG A 110 1.36 2.97 15.94
N GLY A 111 0.71 3.80 16.74
CA GLY A 111 -0.31 3.30 17.62
C GLY A 111 0.18 2.76 18.94
N TRP A 112 1.49 2.70 19.17
CA TRP A 112 1.97 2.26 20.48
C TRP A 112 1.88 3.41 21.47
N GLY A 113 1.51 3.08 22.72
CA GLY A 113 1.37 4.13 23.74
C GLY A 113 2.72 4.62 24.23
N HIS A 114 2.79 5.93 24.55
CA HIS A 114 4.07 6.48 24.96
C HIS A 114 3.91 7.74 25.80
N SER A 115 5.00 8.10 26.48
CA SER A 115 5.12 9.37 27.21
C SER A 115 6.55 9.88 27.06
N ILE A 116 6.74 11.18 27.28
CA ILE A 116 8.05 11.82 27.23
C ILE A 116 8.15 12.78 28.42
N GLU A 117 9.22 12.66 29.20
CA GLU A 117 9.48 13.53 30.34
C GLU A 117 10.81 14.27 30.19
N GLY A 118 10.81 15.57 30.49
CA GLY A 118 12.06 16.29 30.59
C GLY A 118 12.73 15.95 31.91
N ILE A 119 14.00 15.57 31.85
CA ILE A 119 14.74 15.27 33.07
C ILE A 119 15.86 16.30 33.23
N GLY A 120 15.94 16.88 34.43
CA GLY A 120 16.70 18.09 34.65
C GLY A 120 18.19 17.84 34.65
N PRO A 121 18.96 18.91 34.88
CA PRO A 121 18.54 20.26 35.29
C PRO A 121 18.19 21.19 34.15
N ASP A 122 18.41 20.80 32.90
CA ASP A 122 18.23 21.70 31.77
C ASP A 122 16.88 21.46 31.11
N THR A 123 16.51 22.36 30.20
CA THR A 123 15.31 22.15 29.37
C THR A 123 15.63 21.18 28.24
N ALA A 124 14.77 20.18 28.07
CA ALA A 124 14.90 19.28 26.93
C ALA A 124 14.26 19.95 25.70
N LYS A 125 14.95 19.88 24.57
CA LYS A 125 14.42 20.41 23.31
C LYS A 125 14.63 19.34 22.25
N PHE A 126 13.57 19.02 21.51
CA PHE A 126 13.67 17.91 20.58
C PHE A 126 12.72 18.11 19.40
N LEU A 127 13.03 17.39 18.33
CA LEU A 127 12.24 17.37 17.11
C LEU A 127 11.54 16.03 17.01
N LEU A 128 10.28 16.05 16.59
CA LEU A 128 9.54 14.82 16.32
C LEU A 128 9.11 14.87 14.86
N VAL A 129 9.39 13.80 14.12
CA VAL A 129 9.03 13.73 12.71
C VAL A 129 8.12 12.54 12.54
N PHE A 130 6.96 12.78 11.91
CA PHE A 130 5.90 11.78 11.80
C PHE A 130 5.73 11.39 10.35
N ASN A 131 5.56 10.09 10.08
CA ASN A 131 5.44 9.69 8.68
C ASN A 131 4.03 9.84 8.14
N ASP A 132 3.38 10.96 8.49
CA ASP A 132 2.11 11.34 7.89
C ASP A 132 2.11 12.86 7.90
N GLY A 133 2.07 13.47 6.71
CA GLY A 133 2.20 14.91 6.62
C GLY A 133 1.06 15.70 7.25
N THR A 134 -0.07 15.04 7.54
CA THR A 134 -1.19 15.72 8.16
C THR A 134 -1.17 15.62 9.68
N PHE A 135 -0.15 14.99 10.24
CA PHE A 135 -0.12 14.77 11.69
C PHE A 135 -0.16 16.10 12.45
N SER A 136 -0.97 16.14 13.51
CA SER A 136 -1.04 17.31 14.37
C SER A 136 -1.00 16.90 15.84
N GLU A 137 -0.23 17.64 16.65
CA GLU A 137 -0.20 17.36 18.08
C GLU A 137 -1.54 17.63 18.74
N GLY A 138 -2.43 18.36 18.08
CA GLY A 138 -3.76 18.55 18.62
C GLY A 138 -4.69 17.36 18.45
N ALA A 139 -4.27 16.36 17.69
CA ALA A 139 -5.13 15.24 17.33
C ALA A 139 -4.58 13.90 17.83
N THR A 140 -3.85 13.92 18.94
CA THR A 140 -3.41 12.65 19.50
C THR A 140 -4.47 12.11 20.45
N PHE A 141 -4.36 10.83 20.75
CA PHE A 141 -5.30 10.17 21.65
C PHE A 141 -4.71 10.18 23.05
N SER A 142 -5.31 11.00 23.92
CA SER A 142 -4.82 11.28 25.27
C SER A 142 -5.50 10.37 26.28
N VAL A 143 -4.72 9.82 27.22
CA VAL A 143 -5.33 8.91 28.18
C VAL A 143 -6.24 9.67 29.15
N THR A 144 -5.93 10.94 29.44
CA THR A 144 -6.79 11.70 30.34
C THR A 144 -8.06 12.17 29.63
N ASP A 145 -7.94 12.54 28.35
CA ASP A 145 -9.12 12.74 27.51
C ASP A 145 -9.96 11.47 27.47
N TRP A 146 -9.31 10.32 27.26
CA TRP A 146 -10.03 9.05 27.17
C TRP A 146 -10.89 8.80 28.40
N LEU A 147 -10.29 8.83 29.58
CA LEU A 147 -11.04 8.42 30.76
C LEU A 147 -12.09 9.46 31.16
N SER A 148 -11.92 10.71 30.75
CA SER A 148 -12.95 11.72 31.01
C SER A 148 -14.05 11.69 29.96
N HIS A 149 -13.89 10.87 28.91
CA HIS A 149 -14.87 10.73 27.84
C HIS A 149 -15.32 9.28 27.68
N THR A 150 -15.41 8.57 28.80
CA THR A 150 -15.91 7.21 28.98
C THR A 150 -16.95 7.28 30.09
N PRO A 151 -18.04 6.51 30.02
CA PRO A 151 -19.00 6.51 31.13
C PRO A 151 -18.29 6.24 32.46
N ILE A 152 -18.58 7.09 33.45
CA ILE A 152 -17.96 6.95 34.77
C ILE A 152 -18.17 5.56 35.33
N ALA A 153 -19.38 5.00 35.17
CA ALA A 153 -19.65 3.68 35.72
C ALA A 153 -18.73 2.63 35.11
N TRP A 154 -18.35 2.81 33.85
CA TRP A 154 -17.48 1.85 33.19
C TRP A 154 -16.03 2.04 33.60
N VAL A 155 -15.62 3.29 33.86
CA VAL A 155 -14.28 3.53 34.38
C VAL A 155 -14.15 2.92 35.78
N GLU A 156 -15.17 3.13 36.63
CA GLU A 156 -15.22 2.49 37.93
C GLU A 156 -15.01 0.98 37.80
N GLU A 157 -15.77 0.35 36.90
CA GLU A 157 -15.68 -1.10 36.76
C GLU A 157 -14.33 -1.52 36.20
N ASN A 158 -13.81 -0.78 35.21
CA ASN A 158 -12.53 -1.12 34.59
C ASN A 158 -11.37 -0.98 35.56
N LEU A 159 -11.42 0.01 36.44
CA LEU A 159 -10.34 0.24 37.40
C LEU A 159 -10.59 -0.42 38.75
N GLY A 160 -11.79 -0.92 39.01
CA GLY A 160 -12.11 -1.34 40.37
C GLY A 160 -12.10 -0.18 41.34
N TRP A 161 -12.59 0.98 40.91
CA TRP A 161 -12.54 2.20 41.71
C TRP A 161 -13.94 2.65 42.11
N THR A 162 -14.01 3.40 43.21
CA THR A 162 -15.25 4.03 43.62
C THR A 162 -15.51 5.31 42.82
N ALA A 163 -16.74 5.81 42.96
CA ALA A 163 -17.07 7.10 42.36
C ALA A 163 -16.13 8.21 42.84
N ALA A 164 -15.80 8.20 44.14
CA ALA A 164 -14.95 9.25 44.71
C ALA A 164 -13.52 9.17 44.19
N GLN A 165 -13.04 7.97 43.86
CA GLN A 165 -11.71 7.84 43.26
C GLN A 165 -11.70 8.30 41.82
N VAL A 166 -12.68 7.85 41.03
CA VAL A 166 -12.76 8.27 39.63
C VAL A 166 -12.93 9.78 39.54
N ALA A 167 -13.62 10.39 40.50
CA ALA A 167 -13.85 11.84 40.47
C ALA A 167 -12.56 12.63 40.59
N GLN A 168 -11.47 12.02 41.04
CA GLN A 168 -10.20 12.73 41.17
C GLN A 168 -9.43 12.80 39.86
N LEU A 169 -9.86 12.08 38.82
CA LEU A 169 -9.17 12.11 37.54
C LEU A 169 -9.46 13.41 36.78
N PRO A 170 -8.61 13.76 35.80
CA PRO A 170 -8.86 14.96 35.00
C PRO A 170 -10.18 14.88 34.24
N LYS A 171 -10.75 16.05 33.96
CA LYS A 171 -11.99 16.15 33.21
C LYS A 171 -11.76 16.40 31.73
N LYS A 172 -10.51 16.48 31.29
CA LYS A 172 -10.22 16.73 29.88
C LYS A 172 -8.76 16.38 29.62
N GLN A 173 -8.37 16.51 28.35
CA GLN A 173 -6.99 16.26 27.92
C GLN A 173 -6.00 17.15 28.67
N VAL A 174 -5.02 16.52 29.31
CA VAL A 174 -3.99 17.24 30.07
C VAL A 174 -2.89 17.76 29.14
N TYR A 175 -2.50 16.94 28.16
CA TYR A 175 -1.51 17.22 27.12
C TYR A 175 -0.08 17.25 27.67
N ILE A 176 0.25 18.27 28.45
CA ILE A 176 1.55 18.41 29.10
C ILE A 176 1.30 18.77 30.55
N SER A 177 1.97 18.08 31.47
CA SER A 177 1.73 18.29 32.89
C SER A 177 3.02 18.53 33.65
N SER A 178 2.98 19.48 34.59
CA SER A 178 4.05 19.66 35.56
C SER A 178 3.52 19.48 36.98
N TYR A 179 2.42 18.75 37.13
CA TYR A 179 1.85 18.49 38.44
C TYR A 179 2.83 17.74 39.33
N GLY A 180 3.57 16.80 38.74
CA GLY A 180 4.56 16.04 39.47
C GLY A 180 4.04 14.68 39.89
N PRO A 181 4.92 13.87 40.51
CA PRO A 181 6.32 14.19 40.82
C PRO A 181 7.22 14.03 39.62
N ALA A 182 8.34 14.74 39.60
CA ALA A 182 9.38 14.44 38.64
C ALA A 182 9.92 13.03 38.87
N SER A 183 10.22 12.33 37.78
CA SER A 183 10.74 10.98 37.89
C SER A 183 12.15 11.00 38.48
N GLY A 184 12.51 9.90 39.14
CA GLY A 184 13.83 9.74 39.68
C GLY A 184 14.78 9.04 38.73
N PRO A 185 15.80 8.39 39.28
CA PRO A 185 16.81 7.72 38.43
C PRO A 185 16.18 6.61 37.59
N LEU A 186 16.80 6.36 36.43
CA LEU A 186 16.27 5.37 35.50
C LEU A 186 16.07 4.01 36.18
N ALA A 187 17.02 3.61 37.03
CA ALA A 187 16.94 2.28 37.64
C ALA A 187 15.77 2.14 38.61
N SER A 188 15.19 3.24 39.07
CA SER A 188 14.04 3.20 39.96
CA SER A 188 14.04 3.23 39.96
C SER A 188 12.71 3.41 39.23
N ALA A 189 12.74 3.57 37.90
CA ALA A 189 11.53 3.82 37.12
C ALA A 189 10.89 2.50 36.70
N THR A 190 10.37 1.80 37.68
CA THR A 190 9.86 0.46 37.44
C THR A 190 8.35 0.48 37.19
N PRO A 191 7.86 -0.35 36.27
CA PRO A 191 6.41 -0.42 36.06
C PRO A 191 5.66 -0.74 37.36
N GLN A 192 4.50 -0.09 37.54
CA GLN A 192 3.71 -0.35 38.74
C GLN A 192 3.27 -1.81 38.82
N GLY A 193 2.98 -2.43 37.67
CA GLY A 193 2.64 -3.83 37.63
C GLY A 193 3.68 -4.63 36.87
N GLN A 194 3.77 -5.93 37.13
CA GLN A 194 4.78 -6.75 36.48
C GLN A 194 4.62 -6.68 34.98
N THR A 195 5.65 -6.20 34.29
CA THR A 195 5.59 -5.98 32.85
C THR A 195 6.90 -6.40 32.21
N ALA A 196 6.82 -7.29 31.23
CA ALA A 196 8.01 -7.71 30.50
C ALA A 196 8.57 -6.54 29.69
N LYS A 197 9.87 -6.60 29.41
CA LYS A 197 10.56 -5.50 28.76
C LYS A 197 10.66 -5.73 27.25
N ILE A 198 10.46 -4.66 26.49
CA ILE A 198 10.78 -4.66 25.06
C ILE A 198 12.27 -4.91 24.90
N GLU A 199 12.64 -5.82 24.02
CA GLU A 199 14.05 -6.15 23.83
C GLU A 199 14.68 -5.50 22.61
N VAL A 200 13.94 -5.30 21.51
CA VAL A 200 14.48 -4.55 20.38
C VAL A 200 14.58 -3.08 20.76
N PRO A 201 15.75 -2.44 20.69
CA PRO A 201 15.83 -1.05 21.13
C PRO A 201 15.01 -0.13 20.24
N HIS A 202 14.31 0.81 20.89
CA HIS A 202 13.61 1.87 20.18
C HIS A 202 14.19 3.24 20.51
N THR A 203 15.41 3.26 21.04
CA THR A 203 16.21 4.47 21.13
C THR A 203 17.57 4.19 20.51
N HIS A 204 18.30 5.26 20.20
CA HIS A 204 19.54 5.12 19.44
C HIS A 204 20.37 6.38 19.62
N ASN A 205 21.69 6.23 19.53
CA ASN A 205 22.60 7.38 19.59
C ASN A 205 23.08 7.72 18.19
N LEU A 206 22.55 8.79 17.61
CA LEU A 206 22.98 9.21 16.27
C LEU A 206 24.21 10.10 16.30
N LEU A 207 24.20 11.14 17.14
CA LEU A 207 25.30 12.09 17.15
C LEU A 207 26.62 11.42 17.53
N GLY A 208 26.57 10.41 18.39
CA GLY A 208 27.78 9.71 18.79
C GLY A 208 28.33 8.73 17.77
N GLN A 209 27.63 8.48 16.67
CA GLN A 209 28.18 7.61 15.64
C GLN A 209 29.41 8.24 15.01
N GLN A 210 30.31 7.41 14.53
CA GLN A 210 31.33 7.90 13.62
C GLN A 210 30.68 8.28 12.29
N PRO A 211 31.24 9.24 11.55
CA PRO A 211 30.65 9.60 10.26
C PRO A 211 30.67 8.40 9.31
N LEU A 212 29.57 8.23 8.60
CA LEU A 212 29.56 7.28 7.50
C LEU A 212 30.48 7.75 6.38
N VAL A 213 30.50 9.06 6.15
CA VAL A 213 31.27 9.68 5.09
C VAL A 213 31.86 10.97 5.64
N SER A 214 33.11 11.24 5.28
CA SER A 214 33.84 12.41 5.76
C SER A 214 34.70 12.93 4.62
N LEU A 215 34.74 14.25 4.42
CA LEU A 215 35.63 14.84 3.42
C LEU A 215 35.86 16.29 3.77
N GLY A 216 37.13 16.67 4.01
CA GLY A 216 37.47 18.06 4.24
C GLY A 216 36.73 18.72 5.38
N GLY A 217 36.38 17.96 6.41
CA GLY A 217 35.62 18.47 7.54
C GLY A 217 34.11 18.34 7.38
N ASN A 218 33.64 17.98 6.19
CA ASN A 218 32.21 17.74 5.98
C ASN A 218 31.88 16.32 6.33
N GLU A 219 30.76 16.12 7.03
CA GLU A 219 30.48 14.82 7.64
C GLU A 219 29.01 14.46 7.47
N LEU A 220 28.76 13.17 7.27
CA LEU A 220 27.40 12.62 7.24
C LEU A 220 27.35 11.47 8.23
N ARG A 221 26.44 11.55 9.20
CA ARG A 221 26.14 10.46 10.11
C ARG A 221 24.74 9.95 9.79
N LEU A 222 24.60 8.63 9.62
CA LEU A 222 23.38 8.03 9.09
C LEU A 222 22.84 6.98 10.05
N ALA A 223 21.56 7.11 10.42
CA ALA A 223 20.86 6.07 11.17
C ALA A 223 19.67 5.59 10.32
N SER A 224 19.92 4.58 9.49
CA SER A 224 18.88 3.87 8.77
C SER A 224 18.52 2.62 9.57
N ALA A 225 17.67 1.76 9.00
CA ALA A 225 17.34 0.55 9.74
C ALA A 225 18.52 -0.39 9.90
N LYS A 226 19.62 -0.19 9.15
CA LYS A 226 20.83 -0.97 9.39
C LYS A 226 21.45 -0.62 10.75
N GLU A 227 21.54 0.67 11.05
CA GLU A 227 22.08 1.12 12.34
C GLU A 227 21.06 1.01 13.46
N PHE A 228 19.77 1.18 13.13
CA PHE A 228 18.71 1.38 14.12
C PHE A 228 17.49 0.60 13.65
N PRO A 229 17.52 -0.72 13.77
CA PRO A 229 16.46 -1.53 13.15
C PRO A 229 15.09 -1.30 13.76
N GLY A 230 15.01 -0.87 15.02
CA GLY A 230 13.72 -0.53 15.60
C GLY A 230 12.97 0.51 14.79
N SER A 231 13.69 1.44 14.18
CA SER A 231 13.09 2.44 13.29
C SER A 231 13.02 1.83 11.89
N PHE A 232 12.08 0.89 11.73
CA PHE A 232 12.17 0.01 10.56
C PHE A 232 11.83 0.70 9.26
N ASN A 233 11.05 1.80 9.29
CA ASN A 233 10.64 2.44 8.05
C ASN A 233 10.96 3.92 8.03
N MET A 234 11.86 4.38 8.89
CA MET A 234 12.29 5.77 8.86
C MET A 234 13.80 5.82 9.09
N THR A 235 14.45 6.81 8.49
CA THR A 235 15.89 7.00 8.53
C THR A 235 16.17 8.45 8.86
N GLY A 236 17.21 8.70 9.66
CA GLY A 236 17.65 10.06 9.94
C GLY A 236 19.14 10.20 9.71
N ALA A 237 19.54 11.45 9.44
CA ALA A 237 20.97 11.71 9.24
C ALA A 237 21.32 13.09 9.75
N LEU A 238 22.56 13.24 10.21
CA LEU A 238 23.13 14.55 10.53
C LEU A 238 24.15 14.90 9.46
N ILE A 239 24.05 16.11 8.91
CA ILE A 239 24.98 16.59 7.91
C ILE A 239 25.67 17.83 8.48
N HIS A 240 27.00 17.84 8.43
CA HIS A 240 27.81 18.98 8.83
C HIS A 240 28.53 19.48 7.59
N LEU A 241 28.31 20.75 7.23
CA LEU A 241 28.94 21.36 6.06
C LEU A 241 29.80 22.53 6.49
N GLU A 242 31.04 22.53 6.02
CA GLU A 242 31.99 23.61 6.23
C GLU A 242 31.71 24.75 5.24
N PRO A 243 32.18 25.96 5.52
CA PRO A 243 31.91 27.08 4.62
C PRO A 243 32.33 26.79 3.19
N GLY A 244 31.43 27.05 2.26
CA GLY A 244 31.73 26.89 0.85
C GLY A 244 31.50 25.49 0.31
N ALA A 245 31.28 24.51 1.18
CA ALA A 245 31.14 23.11 0.79
C ALA A 245 29.70 22.77 0.46
N MET A 246 29.54 21.62 -0.20
CA MET A 246 28.32 21.25 -0.91
C MET A 246 28.06 19.79 -0.59
N ARG A 247 26.82 19.43 -0.24
CA ARG A 247 26.39 18.05 -0.45
C ARG A 247 26.03 17.94 -1.92
N GLN A 248 26.68 17.02 -2.63
CA GLN A 248 26.53 16.92 -4.09
C GLN A 248 25.09 16.69 -4.52
N LEU A 249 24.86 17.05 -5.79
CA LEU A 249 23.60 16.78 -6.48
C LEU A 249 23.26 15.29 -6.45
N HIS A 250 22.02 14.98 -6.08
CA HIS A 250 21.59 13.59 -5.97
C HIS A 250 20.07 13.55 -5.96
N TRP A 251 19.52 12.33 -6.01
CA TRP A 251 18.11 12.13 -5.71
C TRP A 251 17.95 10.84 -4.92
N HIS A 252 16.77 10.71 -4.30
CA HIS A 252 16.38 9.50 -3.58
C HIS A 252 15.28 8.78 -4.35
N PRO A 253 15.53 7.57 -4.83
CA PRO A 253 14.49 6.85 -5.57
C PRO A 253 13.28 6.46 -4.73
N ASN A 254 13.42 6.40 -3.40
CA ASN A 254 12.46 5.69 -2.59
C ASN A 254 11.86 6.47 -1.43
N ALA A 255 12.21 7.75 -1.25
CA ALA A 255 11.78 8.43 -0.04
C ALA A 255 11.73 9.93 -0.26
N ASP A 256 10.80 10.57 0.44
CA ASP A 256 10.83 12.00 0.66
C ASP A 256 11.86 12.35 1.72
N GLU A 257 12.33 13.60 1.71
CA GLU A 257 13.36 14.07 2.63
C GLU A 257 12.87 15.32 3.35
N TRP A 258 12.80 15.25 4.68
CA TRP A 258 12.41 16.36 5.54
C TRP A 258 13.66 16.89 6.22
N GLN A 259 13.81 18.23 6.29
CA GLN A 259 15.07 18.83 6.73
C GLN A 259 14.83 19.90 7.79
N TYR A 260 15.75 19.99 8.75
CA TYR A 260 15.70 21.04 9.77
C TYR A 260 17.10 21.58 10.00
N VAL A 261 17.23 22.90 10.03
CA VAL A 261 18.54 23.53 10.20
C VAL A 261 18.84 23.66 11.69
N LEU A 262 19.78 22.85 12.17
CA LEU A 262 20.15 22.90 13.59
C LEU A 262 20.94 24.17 13.91
N ASP A 263 21.84 24.58 13.01
CA ASP A 263 22.57 25.83 13.20
C ASP A 263 23.17 26.23 11.86
N GLY A 264 23.42 27.52 11.70
CA GLY A 264 23.97 28.04 10.46
C GLY A 264 22.91 28.48 9.48
N GLU A 265 23.35 28.69 8.25
CA GLU A 265 22.52 29.10 7.13
C GLU A 265 22.69 28.12 5.98
N MET A 266 21.58 27.62 5.47
CA MET A 266 21.56 26.55 4.47
C MET A 266 21.04 27.06 3.14
N ASP A 267 21.73 26.73 2.05
CA ASP A 267 21.18 26.93 0.71
C ASP A 267 20.71 25.59 0.15
N LEU A 268 19.50 25.57 -0.38
CA LEU A 268 18.91 24.34 -0.91
C LEU A 268 18.46 24.59 -2.34
N THR A 269 18.79 23.67 -3.25
CA THR A 269 18.23 23.76 -4.59
C THR A 269 17.48 22.46 -4.87
N VAL A 270 16.33 22.60 -5.52
CA VAL A 270 15.40 21.50 -5.80
C VAL A 270 15.01 21.55 -7.27
N PHE A 271 15.21 20.44 -7.97
CA PHE A 271 14.89 20.29 -9.38
C PHE A 271 13.69 19.36 -9.52
N ALA A 272 12.62 19.84 -10.17
CA ALA A 272 11.33 19.17 -10.11
C ALA A 272 10.88 18.59 -11.45
N SER A 273 11.78 18.52 -12.44
CA SER A 273 11.51 18.10 -13.82
C SER A 273 10.72 19.17 -14.58
N GLU A 274 10.48 18.94 -15.87
CA GLU A 274 9.69 19.86 -16.71
C GLU A 274 10.26 21.27 -16.70
N GLY A 275 11.58 21.39 -16.59
CA GLY A 275 12.23 22.70 -16.63
C GLY A 275 11.87 23.59 -15.46
N LYS A 276 11.53 23.02 -14.31
CA LYS A 276 11.17 23.77 -13.12
C LYS A 276 12.14 23.48 -11.99
N ALA A 277 12.55 24.53 -11.27
CA ALA A 277 13.48 24.35 -10.17
C ALA A 277 13.41 25.56 -9.24
N SER A 278 13.93 25.38 -8.03
CA SER A 278 13.93 26.39 -6.99
C SER A 278 15.29 26.45 -6.31
N VAL A 279 15.59 27.60 -5.72
CA VAL A 279 16.74 27.72 -4.82
C VAL A 279 16.34 28.67 -3.70
N SER A 280 16.63 28.29 -2.46
CA SER A 280 16.36 29.22 -1.37
C SER A 280 17.29 28.98 -0.20
N ARG A 281 17.23 29.92 0.74
CA ARG A 281 18.11 29.96 1.90
C ARG A 281 17.26 29.73 3.14
N LEU A 282 17.74 28.86 4.02
CA LEU A 282 17.06 28.50 5.25
C LEU A 282 17.91 29.01 6.41
N GLN A 283 17.26 29.62 7.39
CA GLN A 283 17.93 30.04 8.61
C GLN A 283 17.84 28.94 9.66
N GLN A 284 18.56 29.11 10.75
CA GLN A 284 18.50 28.15 11.85
C GLN A 284 17.04 27.98 12.32
N GLY A 285 16.61 26.73 12.43
CA GLY A 285 15.26 26.40 12.83
C GLY A 285 14.25 26.36 11.70
N ASP A 286 14.65 26.64 10.46
CA ASP A 286 13.77 26.53 9.31
C ASP A 286 13.76 25.10 8.79
N VAL A 287 12.81 24.80 7.90
CA VAL A 287 12.52 23.44 7.48
C VAL A 287 12.53 23.37 5.95
N GLY A 288 13.05 22.25 5.42
CA GLY A 288 12.98 21.97 4.00
C GLY A 288 12.28 20.65 3.72
N TYR A 289 11.80 20.47 2.50
CA TYR A 289 11.18 19.21 2.12
C TYR A 289 11.46 18.94 0.65
N VAL A 290 12.05 17.78 0.36
CA VAL A 290 12.37 17.40 -1.02
C VAL A 290 11.53 16.19 -1.37
N PRO A 291 10.54 16.31 -2.26
CA PRO A 291 9.74 15.14 -2.63
C PRO A 291 10.58 14.04 -3.25
N LYS A 292 10.16 12.80 -3.00
CA LYS A 292 10.77 11.61 -3.61
C LYS A 292 11.10 11.82 -5.07
N GLY A 293 12.35 11.54 -5.43
CA GLY A 293 12.77 11.60 -6.81
C GLY A 293 13.25 12.96 -7.29
N TYR A 294 12.99 14.04 -6.56
CA TYR A 294 13.42 15.34 -7.04
C TYR A 294 14.93 15.48 -6.86
N GLY A 295 15.60 16.05 -7.85
CA GLY A 295 17.03 16.30 -7.70
C GLY A 295 17.28 17.43 -6.72
N HIS A 296 18.36 17.30 -5.95
CA HIS A 296 18.63 18.36 -4.97
C HIS A 296 20.10 18.37 -4.59
N ALA A 297 20.52 19.51 -4.05
CA ALA A 297 21.86 19.68 -3.50
C ALA A 297 21.75 20.70 -2.38
N ILE A 298 22.73 20.68 -1.48
CA ILE A 298 22.75 21.57 -0.32
C ILE A 298 24.11 22.24 -0.27
N ARG A 299 24.12 23.55 -0.10
CA ARG A 299 25.38 24.27 -0.06
C ARG A 299 25.44 25.16 1.17
N ASN A 300 26.61 25.21 1.79
CA ASN A 300 26.90 26.21 2.82
C ASN A 300 27.59 27.37 2.11
N SER A 301 26.83 28.45 1.88
CA SER A 301 27.36 29.63 1.21
C SER A 301 27.81 30.70 2.20
N SER A 302 27.84 30.37 3.49
CA SER A 302 28.15 31.31 4.55
C SER A 302 29.62 31.18 4.96
N GLN A 303 29.99 31.95 5.99
CA GLN A 303 31.32 31.90 6.56
C GLN A 303 31.37 31.13 7.87
N LYS A 304 30.30 30.42 8.21
CA LYS A 304 30.17 29.71 9.48
C LYS A 304 29.77 28.28 9.19
N PRO A 305 30.00 27.37 10.14
CA PRO A 305 29.55 25.98 9.93
C PRO A 305 28.04 25.87 9.84
N LEU A 306 27.59 24.80 9.20
CA LEU A 306 26.19 24.50 9.01
C LEU A 306 25.94 23.07 9.48
N ASP A 307 24.88 22.87 10.26
CA ASP A 307 24.51 21.53 10.73
C ASP A 307 23.01 21.35 10.52
N ILE A 308 22.63 20.23 9.90
CA ILE A 308 21.23 19.95 9.62
C ILE A 308 20.91 18.51 9.99
N VAL A 309 19.65 18.27 10.32
CA VAL A 309 19.15 16.91 10.46
C VAL A 309 18.14 16.69 9.33
N VAL A 310 18.23 15.53 8.69
CA VAL A 310 17.32 15.19 7.60
C VAL A 310 16.72 13.83 7.90
N VAL A 311 15.45 13.66 7.53
CA VAL A 311 14.69 12.47 7.87
C VAL A 311 13.99 11.95 6.62
N PHE A 312 13.97 10.63 6.44
CA PHE A 312 13.41 9.96 5.28
C PHE A 312 12.29 9.03 5.73
N ASN A 313 11.23 8.93 4.93
CA ASN A 313 10.14 8.02 5.26
C ASN A 313 10.33 6.65 4.61
N ASP A 314 11.55 6.14 4.74
CA ASP A 314 11.87 4.76 4.39
C ASP A 314 13.03 4.31 5.26
N GLY A 315 13.05 3.04 5.62
CA GLY A 315 14.14 2.57 6.45
C GLY A 315 15.42 2.22 5.73
N ASP A 316 15.43 2.29 4.40
CA ASP A 316 16.58 1.97 3.59
C ASP A 316 17.02 3.26 2.91
N TYR A 317 18.20 3.78 3.28
CA TYR A 317 18.68 5.02 2.67
C TYR A 317 19.18 4.71 1.27
N GLN A 318 18.58 5.36 0.27
CA GLN A 318 18.95 5.16 -1.13
C GLN A 318 19.21 6.52 -1.74
N SER A 319 20.41 6.69 -2.29
CA SER A 319 20.79 7.94 -2.94
C SER A 319 21.55 7.61 -4.21
N ILE A 320 21.23 8.30 -5.29
CA ILE A 320 22.04 8.23 -6.51
C ILE A 320 22.62 9.62 -6.69
N ASP A 321 23.92 9.75 -6.49
CA ASP A 321 24.61 11.00 -6.76
C ASP A 321 24.85 11.17 -8.25
N LEU A 322 24.73 12.41 -8.72
CA LEU A 322 25.05 12.69 -10.12
C LEU A 322 26.42 12.14 -10.50
N SER A 323 27.41 12.32 -9.61
CA SER A 323 28.77 11.89 -9.92
C SER A 323 28.83 10.38 -10.13
N THR A 324 28.25 9.60 -9.22
CA THR A 324 28.16 8.15 -9.41
C THR A 324 27.51 7.82 -10.74
N TRP A 325 26.39 8.47 -11.03
CA TRP A 325 25.63 8.17 -12.24
C TRP A 325 26.46 8.44 -13.49
N LEU A 326 27.08 9.61 -13.57
CA LEU A 326 27.86 9.93 -14.78
C LEU A 326 29.09 9.05 -14.86
N ALA A 327 29.73 8.74 -13.72
CA ALA A 327 30.91 7.88 -13.77
C ALA A 327 30.57 6.49 -14.26
N SER A 328 29.33 6.03 -14.04
CA SER A 328 28.94 4.68 -14.43
C SER A 328 28.68 4.55 -15.93
N ASN A 329 28.65 5.66 -16.67
CA ASN A 329 28.30 5.57 -18.08
C ASN A 329 29.51 5.72 -18.99
N PRO A 330 29.45 5.16 -20.20
CA PRO A 330 30.57 5.28 -21.14
C PRO A 330 30.60 6.65 -21.81
N SER A 331 31.77 6.94 -22.41
CA SER A 331 32.00 8.26 -23.00
C SER A 331 30.95 8.61 -24.04
N SER A 332 30.60 7.66 -24.91
CA SER A 332 29.69 7.96 -26.01
C SER A 332 28.32 8.41 -25.47
N VAL A 333 27.78 7.67 -24.50
CA VAL A 333 26.49 8.01 -23.91
C VAL A 333 26.53 9.42 -23.33
N LEU A 334 27.63 9.75 -22.64
CA LEU A 334 27.73 11.04 -21.99
C LEU A 334 27.90 12.17 -23.00
N GLY A 335 28.75 11.97 -24.01
CA GLY A 335 28.95 13.02 -25.00
C GLY A 335 27.71 13.27 -25.83
N ASN A 336 26.97 12.20 -26.12
CA ASN A 336 25.72 12.31 -26.87
C ASN A 336 24.64 13.01 -26.05
N THR A 337 24.50 12.60 -24.78
CA THR A 337 23.50 13.20 -23.90
C THR A 337 23.77 14.69 -23.71
N PHE A 338 24.99 15.05 -23.36
CA PHE A 338 25.31 16.43 -23.04
C PHE A 338 25.69 17.25 -24.26
N GLN A 339 25.85 16.60 -25.42
CA GLN A 339 26.13 17.31 -26.67
C GLN A 339 27.40 18.14 -26.55
N ILE A 340 28.46 17.50 -26.05
CA ILE A 340 29.74 18.15 -25.79
C ILE A 340 30.85 17.39 -26.50
N SER A 341 32.00 18.05 -26.61
CA SER A 341 33.16 17.47 -27.28
C SER A 341 33.66 16.21 -26.55
N PRO A 342 34.33 15.31 -27.26
CA PRO A 342 34.98 14.18 -26.56
C PRO A 342 35.98 14.63 -25.51
N GLU A 343 36.71 15.73 -25.77
CA GLU A 343 37.64 16.27 -24.79
C GLU A 343 36.94 16.60 -23.48
N LEU A 344 35.84 17.36 -23.56
CA LEU A 344 35.11 17.73 -22.36
C LEU A 344 34.43 16.53 -21.72
N THR A 345 33.94 15.58 -22.54
CA THR A 345 33.29 14.39 -22.00
C THR A 345 34.20 13.69 -21.00
N LYS A 346 35.49 13.55 -21.31
CA LYS A 346 36.42 12.84 -20.45
C LYS A 346 36.66 13.55 -19.13
N LYS A 347 36.24 14.81 -18.99
CA LYS A 347 36.41 15.53 -17.74
C LYS A 347 35.21 15.39 -16.82
N LEU A 348 34.20 14.62 -17.21
CA LEU A 348 33.05 14.37 -16.34
C LEU A 348 33.48 13.49 -15.16
N PRO A 349 32.65 13.38 -14.13
CA PRO A 349 33.11 12.70 -12.91
C PRO A 349 33.49 11.24 -13.13
N VAL A 350 34.53 10.81 -12.43
CA VAL A 350 34.92 9.40 -12.42
C VAL A 350 34.84 8.79 -11.03
N GLN A 351 34.42 9.55 -10.03
CA GLN A 351 34.25 9.02 -8.69
C GLN A 351 33.27 9.91 -7.95
N ASP A 352 32.75 9.40 -6.83
CA ASP A 352 31.75 10.10 -6.03
C ASP A 352 32.29 10.32 -4.63
N THR A 353 32.55 11.57 -4.27
CA THR A 353 33.06 11.90 -2.95
C THR A 353 31.98 12.39 -1.99
N ILE A 354 30.71 12.39 -2.42
CA ILE A 354 29.51 12.68 -1.60
C ILE A 354 29.37 14.17 -1.35
N PHE A 355 30.45 14.79 -0.87
CA PHE A 355 30.54 16.24 -0.75
C PHE A 355 31.43 16.79 -1.85
N SER A 356 31.28 18.09 -2.10
CA SER A 356 32.20 18.81 -2.95
C SER A 356 32.76 20.00 -2.18
N LEU A 357 34.00 20.36 -2.50
CA LEU A 357 34.71 21.35 -1.71
C LEU A 357 34.89 22.65 -2.49
N PRO A 358 35.00 23.78 -1.80
CA PRO A 358 35.30 25.04 -2.49
C PRO A 358 36.73 25.03 -3.01
N THR A 359 37.06 26.05 -3.80
CA THR A 359 38.40 26.13 -4.36
C THR A 359 39.44 26.22 -3.24
N GLN A 360 40.54 25.49 -3.42
CA GLN A 360 41.62 25.34 -2.44
C GLN A 360 42.79 26.25 -2.76
N PRO A 361 43.57 26.65 -1.73
CA PRO A 361 44.81 27.42 -1.90
C PRO A 361 45.82 26.70 -2.81
N TRP B 6 -22.02 -9.31 -32.98
CA TRP B 6 -21.75 -10.31 -31.93
C TRP B 6 -22.96 -10.50 -31.02
N ARG B 7 -23.81 -11.48 -31.34
CA ARG B 7 -24.99 -11.71 -30.52
C ARG B 7 -24.61 -12.31 -29.17
N SER B 8 -25.38 -11.99 -28.14
CA SER B 8 -25.21 -12.55 -26.80
C SER B 8 -26.53 -13.09 -26.29
N LEU B 9 -26.48 -13.93 -25.26
CA LEU B 9 -27.72 -14.46 -24.69
C LEU B 9 -28.55 -13.38 -24.04
N SER B 10 -27.89 -12.39 -23.43
CA SER B 10 -28.58 -11.30 -22.74
C SER B 10 -29.01 -10.19 -23.67
N ASN B 11 -28.49 -10.16 -24.91
CA ASN B 11 -28.69 -9.03 -25.82
C ASN B 11 -28.17 -7.73 -25.20
N VAL B 12 -27.06 -7.84 -24.45
CA VAL B 12 -26.44 -6.65 -23.86
C VAL B 12 -26.08 -5.65 -24.96
N VAL B 13 -26.26 -4.36 -24.66
CA VAL B 13 -25.72 -3.31 -25.52
C VAL B 13 -24.24 -3.20 -25.21
N TRP B 14 -23.40 -3.69 -26.13
CA TRP B 14 -21.96 -3.71 -25.90
C TRP B 14 -21.44 -2.31 -25.61
N GLY B 15 -20.64 -2.19 -24.55
CA GLY B 15 -20.04 -0.91 -24.18
C GLY B 15 -20.93 0.01 -23.37
N LYS B 16 -22.21 -0.29 -23.23
CA LYS B 16 -23.10 0.60 -22.50
C LYS B 16 -22.67 0.69 -21.04
N ASP B 17 -22.61 1.92 -20.51
CA ASP B 17 -22.29 2.20 -19.11
C ASP B 17 -20.88 1.77 -18.72
N LEU B 18 -19.98 1.70 -19.70
CA LEU B 18 -18.59 1.29 -19.47
C LEU B 18 -17.64 2.26 -20.14
N PRO B 19 -16.43 2.40 -19.60
CA PRO B 19 -15.37 3.10 -20.33
C PRO B 19 -14.88 2.27 -21.50
N ALA B 20 -14.19 2.92 -22.42
CA ALA B 20 -13.49 2.20 -23.47
C ALA B 20 -12.41 1.30 -22.87
N PHE B 21 -12.32 0.07 -23.38
CA PHE B 21 -11.24 -0.85 -23.00
C PHE B 21 -10.20 -0.98 -24.10
N THR B 22 -10.35 -0.26 -25.19
CA THR B 22 -9.33 -0.20 -26.23
C THR B 22 -9.11 1.24 -26.63
N TYR B 23 -7.93 1.49 -27.18
CA TYR B 23 -7.51 2.81 -27.63
C TYR B 23 -6.84 2.68 -28.98
N ALA B 24 -7.24 3.56 -29.91
CA ALA B 24 -6.73 3.54 -31.28
C ALA B 24 -5.34 4.18 -31.35
N PHE B 25 -4.41 3.56 -30.62
CA PHE B 25 -3.04 4.03 -30.51
C PHE B 25 -2.34 4.10 -31.86
N SER B 26 -2.77 3.26 -32.82
CA SER B 26 -2.16 3.27 -34.15
C SER B 26 -2.38 4.59 -34.85
N LYS B 27 -3.40 5.35 -34.46
CA LYS B 27 -3.70 6.63 -35.08
C LYS B 27 -3.18 7.81 -34.28
N THR B 28 -2.58 7.57 -33.12
CA THR B 28 -2.01 8.66 -32.34
C THR B 28 -0.80 9.22 -33.07
N PRO B 29 -0.72 10.54 -33.28
CA PRO B 29 0.42 11.08 -34.03
C PRO B 29 1.71 10.98 -33.22
N LEU B 30 2.81 10.82 -33.94
CA LEU B 30 4.13 10.77 -33.33
C LEU B 30 4.63 12.16 -33.00
N VAL B 31 5.41 12.26 -31.94
CA VAL B 31 6.21 13.44 -31.66
C VAL B 31 7.62 13.16 -32.18
N LEU B 32 8.18 14.10 -32.95
CA LEU B 32 9.41 13.87 -33.70
C LEU B 32 10.59 14.53 -33.00
N TYR B 33 11.67 13.78 -32.83
CA TYR B 33 12.93 14.28 -32.27
C TYR B 33 14.03 14.02 -33.30
N ASP B 34 15.24 14.49 -33.00
CA ASP B 34 16.38 14.31 -33.90
C ASP B 34 16.87 12.88 -33.75
N GLY B 35 16.38 12.00 -34.63
CA GLY B 35 16.73 10.60 -34.59
C GLY B 35 15.76 9.70 -33.85
N GLY B 36 14.61 10.21 -33.42
CA GLY B 36 13.67 9.34 -32.73
C GLY B 36 12.26 9.88 -32.79
N THR B 37 11.32 9.01 -32.44
CA THR B 37 9.90 9.37 -32.39
C THR B 37 9.28 8.73 -31.16
N THR B 38 8.18 9.32 -30.69
CA THR B 38 7.49 8.74 -29.55
C THR B 38 6.03 9.18 -29.52
N LYS B 39 5.22 8.38 -28.83
CA LYS B 39 3.82 8.68 -28.55
C LYS B 39 3.43 7.84 -27.33
N GLN B 40 2.31 8.19 -26.70
CA GLN B 40 2.02 7.55 -25.42
C GLN B 40 0.52 7.49 -25.18
N VAL B 41 0.14 6.56 -24.30
CA VAL B 41 -1.26 6.34 -23.97
C VAL B 41 -1.36 6.01 -22.48
N GLY B 42 -2.16 6.78 -21.76
CA GLY B 42 -2.29 6.66 -20.32
C GLY B 42 -3.65 7.22 -19.92
N THR B 43 -3.82 7.49 -18.62
CA THR B 43 -5.13 7.93 -18.17
C THR B 43 -5.53 9.26 -18.82
N TYR B 44 -4.56 10.04 -19.30
CA TYR B 44 -4.85 11.35 -19.87
C TYR B 44 -5.63 11.26 -21.18
N ASN B 45 -5.47 10.16 -21.95
CA ASN B 45 -6.27 9.97 -23.15
C ASN B 45 -7.05 8.66 -23.16
N PHE B 46 -6.85 7.80 -22.17
CA PHE B 46 -7.42 6.45 -22.12
C PHE B 46 -7.82 6.24 -20.66
N PRO B 47 -8.96 6.79 -20.24
CA PRO B 47 -9.24 6.92 -18.80
C PRO B 47 -9.24 5.61 -18.01
N VAL B 48 -9.56 4.48 -18.63
CA VAL B 48 -9.62 3.22 -17.89
C VAL B 48 -8.25 2.76 -17.41
N SER B 49 -7.18 3.25 -18.04
CA SER B 49 -5.84 2.67 -17.95
C SER B 49 -5.10 3.15 -16.70
N LYS B 50 -5.69 2.91 -15.54
CA LYS B 50 -5.15 3.47 -14.29
C LYS B 50 -3.86 2.80 -13.85
N GLY B 51 -3.70 1.50 -14.07
CA GLY B 51 -2.57 0.78 -13.52
C GLY B 51 -1.29 0.87 -14.32
N MET B 52 -1.39 1.09 -15.64
CA MET B 52 -0.22 1.09 -16.49
C MET B 52 -0.41 2.12 -17.59
N ALA B 53 0.69 2.73 -18.03
CA ALA B 53 0.71 3.56 -19.24
C ALA B 53 1.69 2.96 -20.23
N GLY B 54 1.46 3.19 -21.52
CA GLY B 54 2.28 2.65 -22.58
C GLY B 54 2.91 3.74 -23.43
N VAL B 55 4.16 3.53 -23.84
CA VAL B 55 4.91 4.46 -24.68
C VAL B 55 5.45 3.69 -25.87
N TYR B 56 5.24 4.21 -27.08
CA TYR B 56 5.94 3.73 -28.26
C TYR B 56 7.14 4.64 -28.47
N MET B 57 8.29 4.05 -28.78
CA MET B 57 9.50 4.82 -29.08
C MET B 57 10.28 4.19 -30.22
N SER B 58 10.83 5.03 -31.09
CA SER B 58 11.81 4.59 -32.07
C SER B 58 13.10 5.39 -31.92
N LEU B 59 14.23 4.73 -32.18
CA LEU B 59 15.54 5.40 -32.17
C LEU B 59 16.35 4.95 -33.37
N GLU B 60 16.80 5.92 -34.16
CA GLU B 60 17.71 5.65 -35.27
C GLU B 60 19.08 5.23 -34.74
N PRO B 61 19.94 4.67 -35.59
CA PRO B 61 21.29 4.34 -35.12
C PRO B 61 21.98 5.58 -34.56
N GLY B 62 22.53 5.44 -33.35
CA GLY B 62 23.21 6.54 -32.70
C GLY B 62 22.31 7.54 -32.00
N ALA B 63 20.99 7.38 -32.08
CA ALA B 63 20.10 8.25 -31.35
C ALA B 63 19.93 7.73 -29.93
N ILE B 64 20.07 8.61 -28.94
CA ILE B 64 19.97 8.18 -27.55
C ILE B 64 18.78 8.87 -26.88
N ARG B 65 17.96 8.08 -26.19
CA ARG B 65 17.07 8.60 -25.17
C ARG B 65 17.95 8.93 -23.97
N GLU B 66 18.11 10.22 -23.68
CA GLU B 66 19.16 10.68 -22.79
C GLU B 66 19.00 10.12 -21.38
N LEU B 67 20.08 10.17 -20.62
CA LEU B 67 20.08 9.80 -19.21
C LEU B 67 18.97 10.51 -18.46
N HIS B 68 18.11 9.73 -17.80
CA HIS B 68 16.98 10.28 -17.07
C HIS B 68 16.55 9.30 -16.00
N TRP B 69 15.59 9.71 -15.17
CA TRP B 69 15.01 8.82 -14.19
C TRP B 69 13.56 9.21 -13.96
N HIS B 70 12.81 8.33 -13.29
CA HIS B 70 11.43 8.63 -12.93
C HIS B 70 11.06 7.74 -11.74
N ALA B 71 11.05 8.31 -10.54
CA ALA B 71 10.80 7.53 -9.34
C ALA B 71 9.34 7.17 -9.16
N ASN B 72 8.46 7.73 -9.99
CA ASN B 72 7.04 7.41 -9.94
C ASN B 72 6.66 6.15 -10.71
N ALA B 73 7.56 5.53 -11.49
CA ALA B 73 7.15 4.37 -12.26
C ALA B 73 8.33 3.48 -12.57
N ALA B 74 8.11 2.17 -12.41
CA ALA B 74 9.00 1.18 -13.02
C ALA B 74 8.74 1.13 -14.51
N GLU B 75 9.77 0.74 -15.27
CA GLU B 75 9.74 0.74 -16.73
C GLU B 75 10.04 -0.66 -17.24
N TRP B 76 9.06 -1.26 -17.90
CA TRP B 76 9.18 -2.57 -18.54
C TRP B 76 9.15 -2.37 -20.05
N ALA B 77 10.04 -3.04 -20.78
CA ALA B 77 10.14 -2.78 -22.21
C ALA B 77 10.16 -4.06 -23.03
N TYR B 78 9.63 -3.97 -24.24
CA TYR B 78 9.72 -5.04 -25.24
C TYR B 78 10.25 -4.44 -26.54
N VAL B 79 11.32 -5.01 -27.07
CA VAL B 79 11.90 -4.51 -28.32
C VAL B 79 11.20 -5.19 -29.49
N MET B 80 10.52 -4.40 -30.32
CA MET B 80 9.72 -4.93 -31.42
C MET B 80 10.55 -5.16 -32.68
N GLU B 81 11.50 -4.27 -32.94
CA GLU B 81 12.35 -4.31 -34.13
C GLU B 81 13.70 -3.69 -33.79
N GLY B 82 14.75 -4.21 -34.44
CA GLY B 82 16.05 -3.59 -34.33
C GLY B 82 16.78 -3.97 -33.05
N ARG B 83 17.67 -3.10 -32.62
CA ARG B 83 18.58 -3.38 -31.52
C ARG B 83 18.79 -2.10 -30.71
N THR B 84 18.87 -2.25 -29.39
CA THR B 84 19.14 -1.14 -28.50
C THR B 84 20.29 -1.49 -27.58
N ARG B 85 20.83 -0.46 -26.94
CA ARG B 85 21.71 -0.65 -25.80
C ARG B 85 21.17 0.17 -24.64
N ILE B 86 21.11 -0.43 -23.46
CA ILE B 86 20.67 0.28 -22.27
C ILE B 86 21.84 0.45 -21.32
N THR B 87 21.77 1.50 -20.52
CA THR B 87 22.57 1.61 -19.31
C THR B 87 21.62 1.85 -18.14
N LEU B 88 21.97 1.31 -16.98
CA LEU B 88 21.09 1.31 -15.83
C LEU B 88 21.95 1.41 -14.58
N THR B 89 21.69 2.40 -13.73
CA THR B 89 22.51 2.67 -12.56
C THR B 89 21.66 2.61 -11.31
N SER B 90 22.11 1.84 -10.31
CA SER B 90 21.32 1.54 -9.12
C SER B 90 21.74 2.41 -7.95
N PRO B 91 20.92 2.48 -6.89
CA PRO B 91 21.33 3.21 -5.68
C PRO B 91 22.53 2.59 -4.98
N GLU B 92 22.90 1.36 -5.29
CA GLU B 92 24.17 0.85 -4.74
C GLU B 92 25.37 1.30 -5.55
N GLY B 93 25.16 2.16 -6.55
CA GLY B 93 26.27 2.62 -7.35
C GLY B 93 26.78 1.60 -8.33
N LYS B 94 25.98 0.61 -8.69
CA LYS B 94 26.35 -0.42 -9.65
C LYS B 94 25.65 -0.15 -10.97
N VAL B 95 26.21 -0.69 -12.06
CA VAL B 95 25.71 -0.39 -13.39
C VAL B 95 25.51 -1.66 -14.19
N GLU B 96 24.52 -1.62 -15.08
CA GLU B 96 24.28 -2.65 -16.08
C GLU B 96 24.30 -1.98 -17.45
N ILE B 97 25.15 -2.49 -18.33
CA ILE B 97 25.25 -1.99 -19.70
C ILE B 97 25.08 -3.20 -20.61
N ALA B 98 24.06 -3.18 -21.46
CA ALA B 98 23.67 -4.41 -22.16
C ALA B 98 22.97 -4.09 -23.45
N ASP B 99 23.14 -4.97 -24.43
CA ASP B 99 22.41 -4.87 -25.69
C ASP B 99 21.05 -5.56 -25.48
N VAL B 100 19.99 -4.97 -26.01
CA VAL B 100 18.68 -5.64 -26.01
C VAL B 100 18.18 -5.68 -27.45
N ASP B 101 18.04 -6.88 -28.00
CA ASP B 101 17.65 -7.03 -29.40
C ASP B 101 16.16 -7.32 -29.49
N LYS B 102 15.67 -7.36 -30.73
CA LYS B 102 14.28 -7.73 -31.00
C LYS B 102 13.85 -8.95 -30.19
N GLY B 103 12.72 -8.82 -29.50
CA GLY B 103 12.20 -9.88 -28.66
C GLY B 103 12.71 -9.84 -27.24
N GLY B 104 13.65 -8.90 -26.93
CA GLY B 104 14.19 -8.79 -25.61
C GLY B 104 13.45 -7.76 -24.74
N LEU B 105 13.69 -7.86 -23.43
CA LEU B 105 13.07 -7.03 -22.42
C LEU B 105 14.13 -6.26 -21.62
N TRP B 106 13.72 -5.13 -21.05
CA TRP B 106 14.42 -4.62 -19.88
C TRP B 106 13.40 -4.25 -18.81
N TYR B 107 13.90 -4.15 -17.58
CA TYR B 107 13.11 -3.64 -16.46
C TYR B 107 13.99 -2.69 -15.69
N PHE B 108 13.58 -1.42 -15.61
CA PHE B 108 14.30 -0.42 -14.84
C PHE B 108 13.51 -0.14 -13.56
N PRO B 109 14.01 -0.49 -12.38
CA PRO B 109 13.26 -0.23 -11.15
C PRO B 109 13.00 1.26 -10.96
N ARG B 110 11.88 1.58 -10.30
CA ARG B 110 11.51 2.98 -10.07
C ARG B 110 12.69 3.79 -9.58
N GLY B 111 12.94 4.90 -10.27
CA GLY B 111 13.93 5.86 -9.81
C GLY B 111 15.36 5.53 -10.13
N TRP B 112 15.65 4.36 -10.70
CA TRP B 112 17.02 4.10 -11.12
C TRP B 112 17.32 4.87 -12.40
N GLY B 113 18.55 5.39 -12.52
CA GLY B 113 18.91 6.17 -13.70
C GLY B 113 19.16 5.27 -14.90
N HIS B 114 18.83 5.78 -16.10
CA HIS B 114 18.98 4.94 -17.28
C HIS B 114 19.07 5.75 -18.57
N SER B 115 19.56 5.07 -19.62
CA SER B 115 19.54 5.59 -20.98
C SER B 115 19.25 4.45 -21.94
N ILE B 116 18.79 4.80 -23.15
CA ILE B 116 18.50 3.84 -24.21
C ILE B 116 19.06 4.41 -25.51
N GLU B 117 19.86 3.62 -26.24
CA GLU B 117 20.40 4.06 -27.52
C GLU B 117 20.03 3.08 -28.62
N GLY B 118 19.59 3.58 -29.76
CA GLY B 118 19.43 2.73 -30.93
C GLY B 118 20.80 2.39 -31.51
N ILE B 119 21.09 1.11 -31.69
CA ILE B 119 22.42 0.75 -32.19
C ILE B 119 22.37 0.18 -33.60
N GLY B 120 21.22 0.22 -34.27
CA GLY B 120 21.15 -0.06 -35.68
C GLY B 120 21.34 -1.53 -35.97
N PRO B 121 21.57 -1.88 -37.24
CA PRO B 121 21.79 -0.99 -38.40
C PRO B 121 20.57 -0.19 -38.87
N ASP B 122 19.34 -0.58 -38.54
CA ASP B 122 18.17 0.17 -38.98
C ASP B 122 17.50 0.80 -37.75
N THR B 123 16.20 1.08 -37.85
CA THR B 123 15.48 1.74 -36.77
C THR B 123 15.14 0.76 -35.65
N ALA B 124 15.44 1.14 -34.41
CA ALA B 124 14.98 0.38 -33.25
C ALA B 124 13.58 0.88 -32.88
N LYS B 125 12.66 -0.06 -32.65
CA LYS B 125 11.29 0.28 -32.27
C LYS B 125 10.93 -0.56 -31.06
N PHE B 126 10.40 0.08 -30.03
CA PHE B 126 10.17 -0.65 -28.80
C PHE B 126 9.00 -0.04 -28.03
N LEU B 127 8.46 -0.84 -27.13
CA LEU B 127 7.36 -0.46 -26.26
C LEU B 127 7.88 -0.34 -24.84
N LEU B 128 7.42 0.70 -24.14
CA LEU B 128 7.73 0.88 -22.74
C LEU B 128 6.41 0.89 -21.98
N VAL B 129 6.32 0.08 -20.92
CA VAL B 129 5.10 0.01 -20.12
C VAL B 129 5.47 0.36 -18.70
N PHE B 130 4.74 1.30 -18.11
CA PHE B 130 5.05 1.87 -16.81
C PHE B 130 3.96 1.50 -15.82
N ASN B 131 4.34 1.13 -14.59
CA ASN B 131 3.30 0.72 -13.63
C ASN B 131 2.68 1.91 -12.89
N ASP B 132 2.42 2.98 -13.63
CA ASP B 132 1.64 4.13 -13.18
C ASP B 132 0.92 4.64 -14.42
N GLY B 133 -0.42 4.53 -14.43
CA GLY B 133 -1.19 4.93 -15.60
C GLY B 133 -1.10 6.41 -15.93
N THR B 134 -0.64 7.24 -15.00
CA THR B 134 -0.48 8.66 -15.28
C THR B 134 0.91 9.00 -15.83
N PHE B 135 1.79 8.01 -16.02
CA PHE B 135 3.15 8.30 -16.46
C PHE B 135 3.13 9.02 -17.81
N SER B 136 3.97 10.04 -17.92
CA SER B 136 4.15 10.75 -19.19
C SER B 136 5.64 10.93 -19.48
N GLU B 137 6.02 10.69 -20.74
CA GLU B 137 7.42 10.91 -21.15
C GLU B 137 7.81 12.38 -21.04
N GLY B 138 6.86 13.29 -20.96
CA GLY B 138 7.17 14.70 -20.77
C GLY B 138 7.50 15.07 -19.34
N ALA B 139 7.34 14.12 -18.42
CA ALA B 139 7.52 14.39 -17.00
C ALA B 139 8.62 13.52 -16.39
N THR B 140 9.61 13.14 -17.19
CA THR B 140 10.75 12.43 -16.63
C THR B 140 11.79 13.44 -16.16
N PHE B 141 12.72 12.97 -15.32
CA PHE B 141 13.76 13.80 -14.76
C PHE B 141 15.01 13.66 -15.62
N SER B 142 15.31 14.69 -16.40
CA SER B 142 16.36 14.69 -17.40
C SER B 142 17.66 15.23 -16.81
N VAL B 143 18.78 14.56 -17.11
CA VAL B 143 20.04 15.04 -16.55
C VAL B 143 20.45 16.38 -17.15
N THR B 144 20.10 16.62 -18.43
CA THR B 144 20.44 17.91 -19.04
C THR B 144 19.52 19.01 -18.55
N ASP B 145 18.23 18.71 -18.36
CA ASP B 145 17.32 19.62 -17.67
C ASP B 145 17.86 19.94 -16.26
N TRP B 146 18.30 18.91 -15.55
CA TRP B 146 18.81 19.09 -14.18
C TRP B 146 19.96 20.09 -14.14
N LEU B 147 20.99 19.88 -14.95
CA LEU B 147 22.19 20.71 -14.82
C LEU B 147 21.97 22.11 -15.34
N SER B 148 21.01 22.31 -16.26
CA SER B 148 20.67 23.65 -16.72
C SER B 148 19.71 24.35 -15.77
N HIS B 149 19.20 23.64 -14.76
CA HIS B 149 18.28 24.20 -13.76
C HIS B 149 18.85 24.06 -12.35
N THR B 150 20.16 24.17 -12.23
CA THR B 150 20.94 24.19 -11.01
C THR B 150 21.83 25.43 -11.09
N PRO B 151 22.12 26.11 -9.98
CA PRO B 151 22.99 27.28 -10.08
C PRO B 151 24.33 26.90 -10.71
N ILE B 152 24.75 27.70 -11.69
CA ILE B 152 26.00 27.43 -12.40
C ILE B 152 27.17 27.26 -11.44
N ALA B 153 27.26 28.13 -10.44
CA ALA B 153 28.36 28.04 -9.48
C ALA B 153 28.37 26.70 -8.75
N TRP B 154 27.19 26.13 -8.49
CA TRP B 154 27.13 24.83 -7.82
C TRP B 154 27.51 23.70 -8.77
N VAL B 155 27.13 23.82 -10.06
CA VAL B 155 27.56 22.82 -11.03
C VAL B 155 29.07 22.84 -11.18
N GLU B 156 29.66 24.04 -11.24
CA GLU B 156 31.11 24.17 -11.27
C GLU B 156 31.74 23.43 -10.10
N GLU B 157 31.24 23.68 -8.89
CA GLU B 157 31.80 23.05 -7.70
C GLU B 157 31.59 21.54 -7.72
N ASN B 158 30.41 21.09 -8.16
CA ASN B 158 30.09 19.66 -8.16
C ASN B 158 30.95 18.89 -9.16
N LEU B 159 31.27 19.52 -10.30
CA LEU B 159 32.01 18.84 -11.35
C LEU B 159 33.50 19.16 -11.32
N GLY B 160 33.91 20.12 -10.51
CA GLY B 160 35.28 20.61 -10.60
C GLY B 160 35.57 21.26 -11.93
N TRP B 161 34.59 22.01 -12.46
CA TRP B 161 34.69 22.60 -13.79
C TRP B 161 34.71 24.12 -13.69
N THR B 162 35.27 24.76 -14.72
CA THR B 162 35.22 26.20 -14.84
C THR B 162 33.87 26.66 -15.39
N ALA B 163 33.62 27.96 -15.28
CA ALA B 163 32.42 28.54 -15.88
C ALA B 163 32.37 28.28 -17.38
N ALA B 164 33.53 28.37 -18.05
CA ALA B 164 33.55 28.18 -19.49
C ALA B 164 33.28 26.72 -19.88
N GLN B 165 33.62 25.78 -18.99
CA GLN B 165 33.26 24.39 -19.26
C GLN B 165 31.77 24.17 -19.03
N VAL B 166 31.23 24.67 -17.92
CA VAL B 166 29.80 24.49 -17.65
C VAL B 166 28.97 25.14 -18.75
N ALA B 167 29.44 26.26 -19.32
CA ALA B 167 28.72 26.94 -20.39
C ALA B 167 28.54 26.07 -21.63
N GLN B 168 29.30 24.98 -21.75
CA GLN B 168 29.19 24.12 -22.92
C GLN B 168 28.07 23.09 -22.78
N LEU B 169 27.48 22.94 -21.60
CA LEU B 169 26.40 21.98 -21.37
C LEU B 169 25.09 22.50 -21.97
N PRO B 170 24.11 21.61 -22.18
CA PRO B 170 22.83 22.05 -22.74
C PRO B 170 22.14 23.06 -21.84
N LYS B 171 21.32 23.91 -22.46
CA LYS B 171 20.57 24.92 -21.74
C LYS B 171 19.14 24.49 -21.41
N LYS B 172 18.75 23.29 -21.81
CA LYS B 172 17.40 22.80 -21.52
C LYS B 172 17.39 21.29 -21.72
N GLN B 173 16.25 20.68 -21.44
CA GLN B 173 16.10 19.22 -21.55
C GLN B 173 16.33 18.77 -23.00
N VAL B 174 17.27 17.84 -23.19
CA VAL B 174 17.61 17.35 -24.52
C VAL B 174 16.59 16.32 -25.00
N TYR B 175 16.18 15.42 -24.11
CA TYR B 175 15.21 14.34 -24.32
C TYR B 175 15.77 13.23 -25.21
N ILE B 176 15.95 13.49 -26.50
CA ILE B 176 16.58 12.55 -27.44
C ILE B 176 17.66 13.31 -28.17
N SER B 177 18.85 12.71 -28.27
CA SER B 177 19.98 13.35 -28.92
C SER B 177 20.56 12.45 -30.00
N SER B 178 20.94 13.06 -31.12
CA SER B 178 21.80 12.42 -32.10
C SER B 178 23.09 13.20 -32.29
N TYR B 179 23.49 13.97 -31.27
CA TYR B 179 24.74 14.71 -31.35
C TYR B 179 25.92 13.78 -31.58
N GLY B 180 25.94 12.65 -30.87
CA GLY B 180 26.97 11.66 -31.05
C GLY B 180 28.09 11.77 -30.02
N PRO B 181 29.08 10.88 -30.15
CA PRO B 181 29.20 9.82 -31.17
C PRO B 181 28.25 8.67 -30.90
N ALA B 182 27.88 7.93 -31.95
CA ALA B 182 27.18 6.67 -31.73
C ALA B 182 28.08 5.72 -30.97
N SER B 183 27.48 4.96 -30.03
CA SER B 183 28.25 4.00 -29.25
C SER B 183 28.76 2.87 -30.13
N GLY B 184 29.91 2.29 -29.74
CA GLY B 184 30.50 1.21 -30.49
C GLY B 184 30.22 -0.15 -29.88
N PRO B 185 31.13 -1.11 -30.11
CA PRO B 185 30.92 -2.47 -29.61
C PRO B 185 30.72 -2.52 -28.10
N LEU B 186 29.87 -3.45 -27.66
CA LEU B 186 29.51 -3.55 -26.25
C LEU B 186 30.74 -3.72 -25.36
N ALA B 187 31.71 -4.50 -25.80
CA ALA B 187 32.89 -4.75 -24.98
C ALA B 187 33.70 -3.50 -24.71
N SER B 188 33.56 -2.46 -25.55
CA SER B 188 34.25 -1.19 -25.34
C SER B 188 33.40 -0.15 -24.64
N ALA B 189 32.16 -0.48 -24.28
CA ALA B 189 31.25 0.47 -23.63
C ALA B 189 31.50 0.48 -22.13
N THR B 190 32.71 0.93 -21.77
CA THR B 190 33.13 0.85 -20.37
C THR B 190 32.83 2.15 -19.61
N PRO B 191 32.39 2.04 -18.36
CA PRO B 191 32.15 3.24 -17.54
C PRO B 191 33.39 4.13 -17.50
N GLN B 192 33.15 5.44 -17.57
CA GLN B 192 34.28 6.37 -17.50
C GLN B 192 35.02 6.27 -16.18
N GLY B 193 34.30 5.96 -15.09
CA GLY B 193 34.94 5.76 -13.80
C GLY B 193 34.71 4.35 -13.28
N GLN B 194 35.59 3.85 -12.41
CA GLN B 194 35.46 2.50 -11.90
C GLN B 194 34.10 2.28 -11.25
N THR B 195 33.32 1.33 -11.80
CA THR B 195 31.96 1.09 -11.35
C THR B 195 31.70 -0.41 -11.29
N ALA B 196 31.25 -0.90 -10.14
CA ALA B 196 30.94 -2.32 -10.04
C ALA B 196 29.67 -2.63 -10.85
N LYS B 197 29.54 -3.90 -11.26
CA LYS B 197 28.48 -4.30 -12.15
C LYS B 197 27.29 -4.90 -11.40
N ILE B 198 26.08 -4.56 -11.85
CA ILE B 198 24.88 -5.21 -11.35
C ILE B 198 24.92 -6.68 -11.74
N GLU B 199 24.62 -7.57 -10.80
CA GLU B 199 24.71 -9.01 -11.07
C GLU B 199 23.36 -9.66 -11.36
N VAL B 200 22.28 -9.17 -10.78
CA VAL B 200 20.95 -9.66 -11.15
C VAL B 200 20.58 -9.09 -12.51
N PRO B 201 20.25 -9.92 -13.50
CA PRO B 201 19.95 -9.40 -14.83
C PRO B 201 18.70 -8.52 -14.82
N HIS B 202 18.81 -7.38 -15.50
CA HIS B 202 17.65 -6.52 -15.75
C HIS B 202 17.29 -6.45 -17.22
N THR B 203 17.82 -7.39 -18.02
CA THR B 203 17.35 -7.62 -19.38
C THR B 203 17.04 -9.10 -19.51
N HIS B 204 16.27 -9.45 -20.54
CA HIS B 204 15.76 -10.81 -20.65
C HIS B 204 15.34 -11.05 -22.10
N ASN B 205 15.41 -12.32 -22.52
CA ASN B 205 14.99 -12.71 -23.87
C ASN B 205 13.63 -13.38 -23.77
N LEU B 206 12.56 -12.65 -24.10
CA LEU B 206 11.21 -13.21 -24.04
C LEU B 206 10.89 -14.01 -25.31
N LEU B 207 11.11 -13.42 -26.48
CA LEU B 207 10.74 -14.09 -27.73
C LEU B 207 11.47 -15.42 -27.89
N GLY B 208 12.70 -15.53 -27.38
CA GLY B 208 13.48 -16.75 -27.51
C GLY B 208 13.14 -17.85 -26.52
N GLN B 209 12.27 -17.56 -25.54
CA GLN B 209 11.79 -18.60 -24.64
C GLN B 209 11.04 -19.67 -25.40
N GLN B 210 11.11 -20.90 -24.90
CA GLN B 210 10.19 -21.92 -25.39
C GLN B 210 8.79 -21.54 -24.92
N PRO B 211 7.75 -21.85 -25.72
CA PRO B 211 6.39 -21.54 -25.28
C PRO B 211 6.07 -22.26 -23.97
N LEU B 212 5.45 -21.53 -23.05
CA LEU B 212 4.95 -22.15 -21.84
C LEU B 212 3.74 -23.03 -22.16
N VAL B 213 2.93 -22.60 -23.12
CA VAL B 213 1.74 -23.31 -23.58
C VAL B 213 1.72 -23.26 -25.10
N SER B 214 1.46 -24.41 -25.73
CA SER B 214 1.37 -24.53 -27.18
C SER B 214 0.17 -25.42 -27.48
N LEU B 215 -0.69 -24.98 -28.39
CA LEU B 215 -1.83 -25.81 -28.79
C LEU B 215 -2.18 -25.48 -30.23
N GLY B 216 -1.97 -26.44 -31.13
CA GLY B 216 -2.37 -26.24 -32.52
C GLY B 216 -1.81 -24.98 -33.16
N GLY B 217 -0.59 -24.61 -32.81
CA GLY B 217 0.05 -23.44 -33.37
C GLY B 217 -0.15 -22.17 -32.58
N ASN B 218 -1.10 -22.16 -31.65
CA ASN B 218 -1.26 -21.05 -30.72
C ASN B 218 -0.26 -21.20 -29.58
N GLU B 219 0.37 -20.08 -29.20
CA GLU B 219 1.50 -20.16 -28.29
C GLU B 219 1.45 -19.01 -27.29
N LEU B 220 1.88 -19.30 -26.06
CA LEU B 220 2.02 -18.29 -25.02
C LEU B 220 3.45 -18.39 -24.50
N ARG B 221 4.18 -17.27 -24.56
CA ARG B 221 5.49 -17.16 -23.93
C ARG B 221 5.35 -16.20 -22.76
N LEU B 222 5.76 -16.64 -21.56
CA LEU B 222 5.49 -15.88 -20.34
C LEU B 222 6.78 -15.54 -19.62
N ALA B 223 7.00 -14.25 -19.35
CA ALA B 223 8.11 -13.80 -18.52
C ALA B 223 7.52 -13.14 -17.27
N SER B 224 7.28 -13.93 -16.23
CA SER B 224 6.94 -13.44 -14.91
C SER B 224 8.22 -13.37 -14.08
N ALA B 225 8.11 -13.07 -12.79
CA ALA B 225 9.31 -13.04 -11.97
C ALA B 225 9.96 -14.41 -11.82
N LYS B 226 9.26 -15.50 -12.15
CA LYS B 226 9.91 -16.81 -12.17
C LYS B 226 10.95 -16.90 -13.28
N GLU B 227 10.60 -16.40 -14.48
CA GLU B 227 11.53 -16.40 -15.61
C GLU B 227 12.50 -15.23 -15.56
N PHE B 228 12.08 -14.10 -14.99
CA PHE B 228 12.81 -12.83 -15.10
C PHE B 228 12.72 -12.14 -13.74
N PRO B 229 13.45 -12.63 -12.74
CA PRO B 229 13.25 -12.10 -11.37
C PRO B 229 13.61 -10.63 -11.22
N GLY B 230 14.49 -10.09 -12.07
CA GLY B 230 14.77 -8.67 -11.98
C GLY B 230 13.53 -7.82 -12.15
N SER B 231 12.59 -8.28 -12.97
CA SER B 231 11.28 -7.63 -13.12
C SER B 231 10.35 -8.13 -12.02
N PHE B 232 10.62 -7.65 -10.80
CA PHE B 232 10.05 -8.35 -9.65
C PHE B 232 8.56 -8.12 -9.49
N ASN B 233 8.00 -7.02 -10.04
CA ASN B 233 6.59 -6.73 -9.84
C ASN B 233 5.85 -6.49 -11.15
N MET B 234 6.38 -6.98 -12.28
CA MET B 234 5.76 -6.75 -13.57
C MET B 234 5.95 -8.04 -14.35
N THR B 235 4.97 -8.42 -15.16
CA THR B 235 5.01 -9.64 -15.98
C THR B 235 4.65 -9.29 -17.41
N GLY B 236 5.30 -9.92 -18.39
CA GLY B 236 4.92 -9.75 -19.78
C GLY B 236 4.75 -11.08 -20.45
N ALA B 237 3.93 -11.10 -21.50
CA ALA B 237 3.70 -12.33 -22.25
C ALA B 237 3.51 -12.01 -23.72
N LEU B 238 3.99 -12.92 -24.57
CA LEU B 238 3.70 -12.89 -26.00
C LEU B 238 2.66 -13.96 -26.31
N ILE B 239 1.60 -13.57 -27.00
CA ILE B 239 0.55 -14.49 -27.41
C ILE B 239 0.51 -14.52 -28.93
N HIS B 240 0.56 -15.73 -29.50
CA HIS B 240 0.38 -15.94 -30.93
C HIS B 240 -0.91 -16.73 -31.13
N LEU B 241 -1.84 -16.18 -31.91
CA LEU B 241 -3.14 -16.80 -32.15
C LEU B 241 -3.29 -17.05 -33.65
N GLU B 242 -3.58 -18.29 -34.01
CA GLU B 242 -3.88 -18.68 -35.39
C GLU B 242 -5.29 -18.24 -35.77
N PRO B 243 -5.59 -18.15 -37.07
CA PRO B 243 -6.94 -17.73 -37.49
C PRO B 243 -8.03 -18.56 -36.84
N GLY B 244 -9.01 -17.88 -36.25
CA GLY B 244 -10.14 -18.54 -35.63
C GLY B 244 -9.95 -18.95 -34.19
N ALA B 245 -8.71 -18.93 -33.68
CA ALA B 245 -8.43 -19.42 -32.34
C ALA B 245 -8.67 -18.35 -31.28
N MET B 246 -8.80 -18.81 -30.02
CA MET B 246 -9.13 -17.95 -28.90
C MET B 246 -8.13 -18.18 -27.78
N ARG B 247 -7.78 -17.12 -27.05
CA ARG B 247 -7.37 -17.29 -25.67
C ARG B 247 -8.64 -17.38 -24.83
N GLN B 248 -8.75 -18.46 -24.05
CA GLN B 248 -10.00 -18.80 -23.37
C GLN B 248 -10.42 -17.71 -22.39
N LEU B 249 -11.73 -17.71 -22.07
CA LEU B 249 -12.28 -16.84 -21.05
C LEU B 249 -11.57 -17.05 -19.70
N HIS B 250 -11.19 -15.94 -19.05
CA HIS B 250 -10.46 -16.01 -17.79
C HIS B 250 -10.53 -14.65 -17.10
N TRP B 251 -10.02 -14.61 -15.86
CA TRP B 251 -9.77 -13.33 -15.19
C TRP B 251 -8.47 -13.44 -14.41
N HIS B 252 -7.93 -12.27 -14.03
CA HIS B 252 -6.74 -12.19 -13.20
C HIS B 252 -7.12 -11.67 -11.84
N PRO B 253 -6.95 -12.45 -10.78
CA PRO B 253 -7.33 -11.96 -9.44
C PRO B 253 -6.47 -10.82 -8.93
N ASN B 254 -5.26 -10.63 -9.49
CA ASN B 254 -4.25 -9.83 -8.81
C ASN B 254 -3.64 -8.72 -9.66
N ALA B 255 -4.09 -8.52 -10.89
CA ALA B 255 -3.36 -7.60 -11.75
C ALA B 255 -4.26 -7.07 -12.85
N ASP B 256 -3.97 -5.83 -13.25
CA ASP B 256 -4.49 -5.28 -14.49
C ASP B 256 -3.65 -5.81 -15.65
N GLU B 257 -4.23 -5.75 -16.85
CA GLU B 257 -3.60 -6.27 -18.06
C GLU B 257 -3.60 -5.19 -19.14
N TRP B 258 -2.41 -4.88 -19.66
CA TRP B 258 -2.20 -3.90 -20.71
C TRP B 258 -1.76 -4.65 -21.96
N GLN B 259 -2.31 -4.28 -23.13
CA GLN B 259 -2.24 -5.09 -24.34
C GLN B 259 -1.83 -4.23 -25.53
N TYR B 260 -0.97 -4.78 -26.40
CA TYR B 260 -0.57 -4.10 -27.64
C TYR B 260 -0.55 -5.10 -28.78
N VAL B 261 -1.15 -4.73 -29.91
CA VAL B 261 -1.23 -5.63 -31.06
C VAL B 261 0.04 -5.46 -31.90
N LEU B 262 0.92 -6.47 -31.84
CA LEU B 262 2.15 -6.41 -32.64
C LEU B 262 1.87 -6.56 -34.12
N ASP B 263 0.96 -7.46 -34.50
CA ASP B 263 0.58 -7.62 -35.90
C ASP B 263 -0.72 -8.38 -35.97
N GLY B 264 -1.47 -8.14 -37.04
CA GLY B 264 -2.76 -8.77 -37.18
C GLY B 264 -3.90 -7.92 -36.64
N GLU B 265 -5.03 -8.60 -36.42
CA GLU B 265 -6.28 -7.98 -36.00
C GLU B 265 -6.84 -8.78 -34.85
N MET B 266 -7.14 -8.10 -33.74
CA MET B 266 -7.50 -8.76 -32.48
C MET B 266 -8.90 -8.36 -32.06
N ASP B 267 -9.70 -9.36 -31.64
CA ASP B 267 -10.96 -9.08 -30.97
C ASP B 267 -10.82 -9.31 -29.47
N LEU B 268 -11.36 -8.38 -28.69
CA LEU B 268 -11.29 -8.43 -27.23
C LEU B 268 -12.70 -8.34 -26.69
N THR B 269 -13.04 -9.19 -25.74
CA THR B 269 -14.28 -8.98 -25.01
C THR B 269 -13.96 -8.83 -23.52
N VAL B 270 -14.70 -7.94 -22.86
CA VAL B 270 -14.45 -7.59 -21.46
C VAL B 270 -15.79 -7.60 -20.72
N PHE B 271 -15.85 -8.35 -19.63
CA PHE B 271 -17.06 -8.49 -18.83
C PHE B 271 -16.82 -7.79 -17.49
N ALA B 272 -17.71 -6.85 -17.14
CA ALA B 272 -17.42 -5.91 -16.06
C ALA B 272 -18.33 -6.07 -14.85
N SER B 273 -19.10 -7.17 -14.77
CA SER B 273 -20.14 -7.42 -13.78
C SER B 273 -21.36 -6.52 -14.00
N GLU B 274 -22.41 -6.73 -13.20
CA GLU B 274 -23.62 -5.91 -13.24
C GLU B 274 -24.25 -5.87 -14.63
N GLY B 275 -24.17 -6.97 -15.37
CA GLY B 275 -24.80 -7.04 -16.68
C GLY B 275 -24.18 -6.13 -17.72
N LYS B 276 -22.92 -5.76 -17.56
CA LYS B 276 -22.23 -4.85 -18.47
C LYS B 276 -21.05 -5.55 -19.12
N ALA B 277 -20.88 -5.34 -20.43
CA ALA B 277 -19.76 -5.95 -21.14
C ALA B 277 -19.52 -5.21 -22.44
N SER B 278 -18.34 -5.45 -23.02
CA SER B 278 -17.91 -4.79 -24.24
C SER B 278 -17.25 -5.81 -25.16
N VAL B 279 -17.24 -5.50 -26.45
CA VAL B 279 -16.46 -6.27 -27.41
C VAL B 279 -15.93 -5.27 -28.43
N SER B 280 -14.66 -5.40 -28.80
CA SER B 280 -14.15 -4.48 -29.79
C SER B 280 -12.98 -5.10 -30.54
N ARG B 281 -12.69 -4.49 -31.70
CA ARG B 281 -11.64 -4.96 -32.59
C ARG B 281 -10.46 -3.99 -32.53
N LEU B 282 -9.26 -4.54 -32.43
CA LEU B 282 -8.03 -3.76 -32.36
C LEU B 282 -7.20 -4.05 -33.61
N GLN B 283 -6.70 -2.99 -34.25
CA GLN B 283 -5.75 -3.15 -35.36
C GLN B 283 -4.32 -3.16 -34.84
N GLN B 284 -3.39 -3.47 -35.76
CA GLN B 284 -1.98 -3.44 -35.44
C GLN B 284 -1.61 -2.10 -34.81
N GLY B 285 -0.91 -2.15 -33.68
CA GLY B 285 -0.51 -0.94 -33.00
C GLY B 285 -1.54 -0.34 -32.07
N ASP B 286 -2.73 -0.93 -31.97
CA ASP B 286 -3.73 -0.48 -30.99
C ASP B 286 -3.50 -1.14 -29.63
N VAL B 287 -4.18 -0.61 -28.61
CA VAL B 287 -3.92 -0.95 -27.21
C VAL B 287 -5.22 -1.38 -26.54
N GLY B 288 -5.12 -2.38 -25.65
CA GLY B 288 -6.24 -2.76 -24.81
C GLY B 288 -5.89 -2.69 -23.34
N TYR B 289 -6.90 -2.63 -22.47
CA TYR B 289 -6.66 -2.62 -21.03
C TYR B 289 -7.80 -3.34 -20.34
N VAL B 290 -7.47 -4.35 -19.55
CA VAL B 290 -8.47 -5.11 -18.81
C VAL B 290 -8.24 -4.90 -17.32
N PRO B 291 -9.14 -4.20 -16.62
CA PRO B 291 -8.96 -3.99 -15.18
C PRO B 291 -8.94 -5.31 -14.42
N LYS B 292 -8.14 -5.33 -13.35
CA LYS B 292 -8.04 -6.47 -12.46
C LYS B 292 -9.42 -7.05 -12.13
N GLY B 293 -9.54 -8.38 -12.33
CA GLY B 293 -10.75 -9.10 -11.99
C GLY B 293 -11.80 -9.16 -13.08
N TYR B 294 -11.72 -8.31 -14.11
CA TYR B 294 -12.73 -8.36 -15.16
C TYR B 294 -12.54 -9.62 -16.00
N GLY B 295 -13.65 -10.27 -16.36
CA GLY B 295 -13.57 -11.43 -17.24
C GLY B 295 -13.24 -10.99 -18.66
N HIS B 296 -12.43 -11.79 -19.36
CA HIS B 296 -12.07 -11.39 -20.71
C HIS B 296 -11.63 -12.60 -21.53
N ALA B 297 -11.68 -12.43 -22.84
CA ALA B 297 -11.16 -13.41 -23.79
C ALA B 297 -10.66 -12.65 -25.01
N ILE B 298 -9.77 -13.30 -25.76
CA ILE B 298 -9.17 -12.72 -26.95
C ILE B 298 -9.37 -13.69 -28.11
N ARG B 299 -9.86 -13.19 -29.23
CA ARG B 299 -10.12 -14.04 -30.37
C ARG B 299 -9.48 -13.48 -31.62
N ASN B 300 -8.89 -14.37 -32.43
CA ASN B 300 -8.46 -14.02 -33.78
C ASN B 300 -9.60 -14.38 -34.71
N SER B 301 -10.40 -13.38 -35.10
CA SER B 301 -11.51 -13.60 -36.02
C SER B 301 -11.12 -13.37 -37.47
N SER B 302 -9.83 -13.22 -37.75
CA SER B 302 -9.33 -12.90 -39.08
C SER B 302 -8.85 -14.17 -39.80
N GLN B 303 -8.33 -13.98 -41.01
CA GLN B 303 -7.77 -15.06 -41.81
C GLN B 303 -6.25 -15.07 -41.78
N LYS B 304 -5.63 -14.25 -40.91
CA LYS B 304 -4.19 -14.13 -40.79
C LYS B 304 -3.79 -14.31 -39.34
N PRO B 305 -2.51 -14.62 -39.08
CA PRO B 305 -2.06 -14.75 -37.69
C PRO B 305 -2.18 -13.45 -36.92
N LEU B 306 -2.18 -13.58 -35.59
CA LEU B 306 -2.25 -12.47 -34.67
C LEU B 306 -1.16 -12.63 -33.63
N ASP B 307 -0.45 -11.55 -33.34
CA ASP B 307 0.58 -11.55 -32.31
C ASP B 307 0.39 -10.34 -31.42
N ILE B 308 0.36 -10.56 -30.10
CA ILE B 308 0.15 -9.49 -29.14
C ILE B 308 1.17 -9.63 -28.01
N VAL B 309 1.47 -8.51 -27.38
CA VAL B 309 2.19 -8.51 -26.11
C VAL B 309 1.24 -7.99 -25.04
N VAL B 310 1.23 -8.66 -23.89
CA VAL B 310 0.37 -8.24 -22.78
C VAL B 310 1.26 -8.10 -21.56
N VAL B 311 0.93 -7.12 -20.71
CA VAL B 311 1.78 -6.77 -19.57
C VAL B 311 0.89 -6.65 -18.34
N PHE B 312 1.40 -7.13 -17.20
CA PHE B 312 0.68 -7.14 -15.93
C PHE B 312 1.45 -6.38 -14.87
N ASN B 313 0.73 -5.68 -13.99
CA ASN B 313 1.40 -4.95 -12.92
C ASN B 313 1.52 -5.80 -11.65
N ASP B 314 1.97 -7.04 -11.84
CA ASP B 314 2.33 -7.92 -10.74
C ASP B 314 3.36 -8.91 -11.26
N GLY B 315 4.31 -9.28 -10.40
CA GLY B 315 5.35 -10.22 -10.80
C GLY B 315 4.92 -11.68 -10.80
N ASP B 316 3.72 -11.97 -10.31
CA ASP B 316 3.20 -13.33 -10.21
C ASP B 316 2.01 -13.41 -11.16
N TYR B 317 2.14 -14.20 -12.22
CA TYR B 317 1.04 -14.36 -13.16
C TYR B 317 -0.02 -15.27 -12.54
N GLN B 318 -1.24 -14.75 -12.40
CA GLN B 318 -2.36 -15.50 -11.85
C GLN B 318 -3.53 -15.40 -12.82
N SER B 319 -4.04 -16.55 -13.25
CA SER B 319 -5.17 -16.59 -14.16
C SER B 319 -6.08 -17.70 -13.68
N ILE B 320 -7.38 -17.42 -13.61
CA ILE B 320 -8.37 -18.48 -13.46
C ILE B 320 -9.16 -18.55 -14.76
N ASP B 321 -8.92 -19.61 -15.54
CA ASP B 321 -9.70 -19.87 -16.73
CA ASP B 321 -9.71 -19.87 -16.73
C ASP B 321 -11.08 -20.39 -16.35
N LEU B 322 -12.10 -19.94 -17.09
CA LEU B 322 -13.43 -20.50 -16.93
C LEU B 322 -13.41 -22.03 -16.96
N SER B 323 -12.67 -22.61 -17.90
CA SER B 323 -12.66 -24.07 -18.02
C SER B 323 -12.13 -24.74 -16.75
N THR B 324 -11.01 -24.24 -16.22
CA THR B 324 -10.49 -24.72 -14.93
C THR B 324 -11.54 -24.61 -13.84
N TRP B 325 -12.19 -23.44 -13.76
CA TRP B 325 -13.16 -23.19 -12.70
C TRP B 325 -14.32 -24.18 -12.76
N LEU B 326 -14.90 -24.33 -13.96
CA LEU B 326 -16.03 -25.25 -14.08
C LEU B 326 -15.60 -26.70 -13.88
N ALA B 327 -14.43 -27.07 -14.40
CA ALA B 327 -13.93 -28.44 -14.20
C ALA B 327 -13.73 -28.75 -12.72
N SER B 328 -13.39 -27.75 -11.92
CA SER B 328 -13.12 -27.98 -10.49
C SER B 328 -14.39 -28.20 -9.68
N ASN B 329 -15.57 -27.94 -10.25
CA ASN B 329 -16.78 -28.03 -9.44
C ASN B 329 -17.55 -29.32 -9.69
N PRO B 330 -18.32 -29.78 -8.71
CA PRO B 330 -19.13 -30.97 -8.91
C PRO B 330 -20.38 -30.68 -9.73
N SER B 331 -20.95 -31.77 -10.29
CA SER B 331 -22.09 -31.66 -11.20
C SER B 331 -23.25 -30.89 -10.57
N SER B 332 -23.54 -31.13 -9.30
CA SER B 332 -24.71 -30.50 -8.70
C SER B 332 -24.56 -28.98 -8.64
N VAL B 333 -23.36 -28.51 -8.27
CA VAL B 333 -23.11 -27.06 -8.22
C VAL B 333 -23.28 -26.44 -9.60
N LEU B 334 -22.78 -27.12 -10.64
CA LEU B 334 -22.86 -26.59 -12.00
C LEU B 334 -24.29 -26.58 -12.51
N GLY B 335 -25.01 -27.69 -12.33
CA GLY B 335 -26.37 -27.76 -12.82
C GLY B 335 -27.28 -26.78 -12.12
N ASN B 336 -27.05 -26.57 -10.82
CA ASN B 336 -27.86 -25.64 -10.05
C ASN B 336 -27.54 -24.21 -10.43
N THR B 337 -26.25 -23.90 -10.60
CA THR B 337 -25.82 -22.56 -11.00
C THR B 337 -26.37 -22.21 -12.38
N PHE B 338 -26.17 -23.09 -13.35
CA PHE B 338 -26.54 -22.78 -14.72
C PHE B 338 -27.98 -23.12 -15.05
N GLN B 339 -28.70 -23.77 -14.13
CA GLN B 339 -30.10 -24.13 -14.31
C GLN B 339 -30.29 -24.94 -15.60
N ILE B 340 -29.45 -25.98 -15.74
CA ILE B 340 -29.45 -26.83 -16.93
C ILE B 340 -29.64 -28.29 -16.53
N SER B 341 -29.95 -29.11 -17.53
CA SER B 341 -30.19 -30.52 -17.31
C SER B 341 -28.92 -31.23 -16.84
N PRO B 342 -29.07 -32.35 -16.12
CA PRO B 342 -27.88 -33.17 -15.80
C PRO B 342 -27.11 -33.60 -17.03
N GLU B 343 -27.82 -33.89 -18.11
CA GLU B 343 -27.15 -34.31 -19.35
C GLU B 343 -26.23 -33.21 -19.89
N LEU B 344 -26.74 -31.98 -19.95
CA LEU B 344 -25.90 -30.88 -20.43
C LEU B 344 -24.79 -30.55 -19.42
N THR B 345 -25.07 -30.69 -18.13
CA THR B 345 -24.07 -30.39 -17.10
C THR B 345 -22.79 -31.18 -17.32
N LYS B 346 -22.90 -32.47 -17.63
CA LYS B 346 -21.73 -33.32 -17.83
C LYS B 346 -20.90 -32.93 -19.04
N LYS B 347 -21.41 -32.05 -19.91
CA LYS B 347 -20.68 -31.64 -21.10
C LYS B 347 -19.91 -30.33 -20.91
N LEU B 348 -19.94 -29.77 -19.70
CA LEU B 348 -19.13 -28.61 -19.37
C LEU B 348 -17.65 -29.02 -19.34
N PRO B 349 -16.73 -28.05 -19.32
CA PRO B 349 -15.31 -28.41 -19.46
C PRO B 349 -14.80 -29.27 -18.31
N VAL B 350 -13.92 -30.21 -18.65
CA VAL B 350 -13.27 -31.06 -17.66
C VAL B 350 -11.74 -30.89 -17.69
N GLN B 351 -11.24 -29.95 -18.48
CA GLN B 351 -9.82 -29.71 -18.61
C GLN B 351 -9.64 -28.30 -19.17
N ASP B 352 -8.45 -27.75 -18.97
CA ASP B 352 -8.13 -26.39 -19.38
C ASP B 352 -6.94 -26.43 -20.34
N THR B 353 -7.16 -26.04 -21.59
CA THR B 353 -6.08 -26.02 -22.57
C THR B 353 -5.55 -24.62 -22.86
N ILE B 354 -6.03 -23.60 -22.12
CA ILE B 354 -5.57 -22.22 -22.18
C ILE B 354 -6.05 -21.52 -23.44
N PHE B 355 -5.82 -22.14 -24.60
CA PHE B 355 -6.39 -21.70 -25.87
C PHE B 355 -7.56 -22.60 -26.25
N SER B 356 -8.41 -22.10 -27.14
CA SER B 356 -9.43 -22.92 -27.76
C SER B 356 -9.20 -22.86 -29.27
N LEU B 357 -9.17 -24.05 -29.90
CA LEU B 357 -9.08 -24.13 -31.35
C LEU B 357 -10.44 -23.85 -31.98
N PRO B 358 -10.47 -23.36 -33.22
CA PRO B 358 -11.75 -23.12 -33.90
C PRO B 358 -12.63 -24.37 -33.89
N THR B 359 -13.91 -24.18 -33.57
CA THR B 359 -14.88 -25.26 -33.56
C THR B 359 -15.88 -25.15 -34.70
N GLN B 360 -15.95 -24.02 -35.38
CA GLN B 360 -16.95 -23.80 -36.42
C GLN B 360 -16.61 -24.56 -37.69
N PRO B 361 -17.45 -25.51 -38.13
CA PRO B 361 -17.26 -26.22 -39.40
C PRO B 361 -17.69 -25.37 -40.58
N TRP C 6 -25.82 7.61 30.96
N TRP C 6 -25.51 7.55 31.14
CA TRP C 6 -24.38 7.49 31.16
CA TRP C 6 -24.06 7.40 30.98
C TRP C 6 -23.74 8.85 31.38
C TRP C 6 -23.28 8.68 31.31
N ARG C 7 -23.23 9.06 32.59
CA ARG C 7 -22.50 10.27 32.95
C ARG C 7 -21.01 10.07 32.74
N SER C 8 -20.31 11.17 32.41
CA SER C 8 -18.87 11.17 32.23
C SER C 8 -18.26 12.30 33.06
N LEU C 9 -16.95 12.21 33.27
CA LEU C 9 -16.27 13.26 34.03
C LEU C 9 -16.33 14.61 33.32
N SER C 10 -16.30 14.59 31.99
CA SER C 10 -16.30 15.81 31.18
C SER C 10 -17.70 16.32 30.86
N ASN C 11 -18.72 15.49 31.09
CA ASN C 11 -20.10 15.76 30.63
CA ASN C 11 -20.09 15.78 30.63
C ASN C 11 -20.15 15.96 29.11
N VAL C 12 -19.31 15.21 28.40
CA VAL C 12 -19.31 15.23 26.93
C VAL C 12 -20.71 14.94 26.40
N VAL C 13 -21.10 15.65 25.34
CA VAL C 13 -22.31 15.32 24.60
C VAL C 13 -21.99 14.11 23.73
N TRP C 14 -22.53 12.94 24.11
CA TRP C 14 -22.23 11.72 23.38
C TRP C 14 -22.62 11.86 21.92
N GLY C 15 -21.67 11.53 21.02
CA GLY C 15 -21.93 11.56 19.60
C GLY C 15 -21.73 12.90 18.93
N LYS C 16 -21.55 13.98 19.70
CA LYS C 16 -21.37 15.29 19.09
C LYS C 16 -20.12 15.29 18.21
N ASP C 17 -20.28 15.80 16.99
CA ASP C 17 -19.20 15.98 16.02
C ASP C 17 -18.60 14.66 15.54
N LEU C 18 -19.34 13.56 15.63
CA LEU C 18 -18.86 12.24 15.23
C LEU C 18 -19.87 11.56 14.33
N PRO C 19 -19.41 10.67 13.46
CA PRO C 19 -20.34 9.82 12.71
C PRO C 19 -20.92 8.76 13.63
N ALA C 20 -21.99 8.14 13.16
CA ALA C 20 -22.52 6.97 13.86
C ALA C 20 -21.49 5.85 13.86
N PHE C 21 -21.31 5.20 15.01
CA PHE C 21 -20.50 3.99 15.08
C PHE C 21 -21.34 2.73 15.16
N THR C 22 -22.66 2.85 15.10
CA THR C 22 -23.54 1.69 15.05
C THR C 22 -24.58 1.89 13.97
N TYR C 23 -25.08 0.77 13.45
CA TYR C 23 -26.10 0.77 12.40
C TYR C 23 -27.19 -0.22 12.77
N ALA C 24 -28.45 0.20 12.60
CA ALA C 24 -29.62 -0.62 12.95
C ALA C 24 -29.88 -1.66 11.86
N PHE C 25 -28.89 -2.53 11.68
CA PHE C 25 -28.94 -3.58 10.65
C PHE C 25 -30.11 -4.53 10.88
N SER C 26 -30.54 -4.69 12.14
CA SER C 26 -31.68 -5.55 12.42
C SER C 26 -32.94 -5.09 11.71
N LYS C 27 -33.03 -3.80 11.39
CA LYS C 27 -34.22 -3.23 10.75
C LYS C 27 -34.07 -3.11 9.24
N THR C 28 -32.91 -3.43 8.69
CA THR C 28 -32.70 -3.37 7.24
C THR C 28 -33.52 -4.47 6.56
N PRO C 29 -34.33 -4.14 5.56
CA PRO C 29 -35.17 -5.17 4.94
C PRO C 29 -34.36 -6.17 4.12
N LEU C 30 -34.84 -7.40 4.11
CA LEU C 30 -34.23 -8.46 3.32
C LEU C 30 -34.60 -8.30 1.85
N VAL C 31 -33.68 -8.69 0.98
CA VAL C 31 -33.98 -8.91 -0.43
C VAL C 31 -34.20 -10.40 -0.62
N LEU C 32 -35.31 -10.77 -1.26
CA LEU C 32 -35.75 -12.16 -1.32
C LEU C 32 -35.42 -12.78 -2.68
N TYR C 33 -34.84 -13.97 -2.65
CA TYR C 33 -34.56 -14.76 -3.84
C TYR C 33 -35.23 -16.12 -3.73
N ASP C 34 -35.18 -16.88 -4.82
CA ASP C 34 -35.78 -18.22 -4.82
C ASP C 34 -34.83 -19.15 -4.09
N GLY C 35 -35.05 -19.29 -2.78
CA GLY C 35 -34.20 -20.13 -1.97
C GLY C 35 -33.27 -19.40 -1.02
N GLY C 36 -33.30 -18.07 -0.98
CA GLY C 36 -32.40 -17.38 -0.07
C GLY C 36 -32.79 -15.94 0.10
N THR C 37 -32.13 -15.29 1.07
CA THR C 37 -32.36 -13.88 1.39
C THR C 37 -31.03 -13.22 1.68
N THR C 38 -30.98 -11.90 1.51
CA THR C 38 -29.74 -11.20 1.84
C THR C 38 -30.01 -9.73 2.12
N LYS C 39 -29.09 -9.12 2.87
CA LYS C 39 -29.07 -7.68 3.12
C LYS C 39 -27.64 -7.31 3.45
N GLN C 40 -27.32 -6.02 3.40
CA GLN C 40 -25.93 -5.63 3.53
C GLN C 40 -25.78 -4.24 4.13
N VAL C 41 -24.60 -4.00 4.71
CA VAL C 41 -24.28 -2.73 5.34
C VAL C 41 -22.82 -2.39 5.01
N GLY C 42 -22.60 -1.22 4.44
CA GLY C 42 -21.27 -0.77 4.04
C GLY C 42 -21.25 0.74 4.00
N THR C 43 -20.26 1.35 3.33
CA THR C 43 -20.17 2.81 3.34
C THR C 43 -21.40 3.48 2.73
N TYR C 44 -22.12 2.77 1.86
CA TYR C 44 -23.27 3.35 1.17
C TYR C 44 -24.43 3.64 2.12
N ASN C 45 -24.54 2.91 3.23
CA ASN C 45 -25.56 3.24 4.23
C ASN C 45 -25.00 3.49 5.62
N PHE C 46 -23.70 3.28 5.83
CA PHE C 46 -23.07 3.34 7.15
C PHE C 46 -21.72 4.00 6.93
N PRO C 47 -21.68 5.33 6.81
CA PRO C 47 -20.50 6.01 6.24
C PRO C 47 -19.19 5.74 6.95
N VAL C 48 -19.20 5.50 8.27
CA VAL C 48 -17.95 5.30 8.99
C VAL C 48 -17.25 4.01 8.57
N SER C 49 -17.98 3.08 7.97
CA SER C 49 -17.53 1.68 7.82
C SER C 49 -16.64 1.50 6.59
N LYS C 50 -15.50 2.19 6.59
CA LYS C 50 -14.67 2.28 5.39
C LYS C 50 -13.90 0.99 5.14
N GLY C 51 -13.46 0.31 6.19
CA GLY C 51 -12.57 -0.82 6.01
C GLY C 51 -13.24 -2.14 5.74
N MET C 52 -14.51 -2.29 6.12
CA MET C 52 -15.18 -3.58 6.00
C MET C 52 -16.65 -3.33 5.72
N ALA C 53 -17.25 -4.23 4.94
CA ALA C 53 -18.70 -4.27 4.75
C ALA C 53 -19.21 -5.63 5.23
N GLY C 54 -20.45 -5.66 5.67
CA GLY C 54 -21.07 -6.89 6.16
C GLY C 54 -22.29 -7.27 5.36
N VAL C 55 -22.48 -8.58 5.17
CA VAL C 55 -23.60 -9.13 4.43
C VAL C 55 -24.24 -10.23 5.28
N TYR C 56 -25.54 -10.16 5.46
CA TYR C 56 -26.30 -11.27 6.01
C TYR C 56 -26.86 -12.08 4.84
N MET C 57 -26.80 -13.41 4.95
CA MET C 57 -27.36 -14.24 3.89
C MET C 57 -27.93 -15.52 4.47
N SER C 58 -29.04 -15.98 3.90
CA SER C 58 -29.62 -17.26 4.25
C SER C 58 -29.79 -18.07 2.97
N LEU C 59 -29.67 -19.39 3.11
CA LEU C 59 -29.91 -20.32 2.01
C LEU C 59 -30.76 -21.48 2.48
N GLU C 60 -31.83 -21.75 1.74
CA GLU C 60 -32.68 -22.90 2.00
C GLU C 60 -31.95 -24.17 1.58
N PRO C 61 -32.39 -25.35 2.05
CA PRO C 61 -31.73 -26.59 1.64
C PRO C 61 -31.74 -26.75 0.13
N GLY C 62 -30.56 -27.02 -0.43
CA GLY C 62 -30.41 -27.18 -1.86
C GLY C 62 -30.37 -25.90 -2.66
N ALA C 63 -30.48 -24.74 -2.01
CA ALA C 63 -30.32 -23.46 -2.69
C ALA C 63 -28.85 -23.09 -2.72
N ILE C 64 -28.40 -22.51 -3.83
CA ILE C 64 -26.99 -22.20 -3.99
C ILE C 64 -26.82 -20.72 -4.30
N ARG C 65 -25.86 -20.10 -3.63
CA ARG C 65 -25.30 -18.83 -4.08
C ARG C 65 -24.34 -19.19 -5.20
N GLU C 66 -24.68 -18.78 -6.43
CA GLU C 66 -24.02 -19.31 -7.62
C GLU C 66 -22.52 -18.99 -7.65
N LEU C 67 -21.81 -19.75 -8.48
CA LEU C 67 -20.40 -19.49 -8.75
C LEU C 67 -20.17 -18.02 -9.12
N HIS C 68 -19.26 -17.37 -8.39
CA HIS C 68 -18.96 -15.96 -8.64
C HIS C 68 -17.58 -15.67 -8.08
N TRP C 69 -17.10 -14.45 -8.35
CA TRP C 69 -15.85 -13.98 -7.75
C TRP C 69 -15.94 -12.48 -7.53
N HIS C 70 -14.99 -11.94 -6.76
CA HIS C 70 -14.91 -10.49 -6.56
C HIS C 70 -13.47 -10.17 -6.15
N ALA C 71 -12.69 -9.66 -7.11
CA ALA C 71 -11.29 -9.37 -6.84
C ALA C 71 -11.10 -8.13 -5.99
N ASN C 72 -12.16 -7.39 -5.67
CA ASN C 72 -12.01 -6.19 -4.85
C ASN C 72 -12.08 -6.49 -3.37
N ALA C 73 -12.37 -7.73 -2.95
CA ALA C 73 -12.57 -7.97 -1.52
C ALA C 73 -12.33 -9.43 -1.18
N ALA C 74 -11.58 -9.66 -0.10
CA ALA C 74 -11.59 -10.98 0.53
C ALA C 74 -12.89 -11.15 1.30
N GLU C 75 -13.29 -12.41 1.46
CA GLU C 75 -14.59 -12.77 2.03
C GLU C 75 -14.36 -13.66 3.24
N TRP C 76 -14.72 -13.16 4.43
CA TRP C 76 -14.64 -13.88 5.69
C TRP C 76 -16.05 -14.18 6.14
N ALA C 77 -16.30 -15.41 6.58
CA ALA C 77 -17.67 -15.78 6.92
C ALA C 77 -17.76 -16.45 8.28
N TYR C 78 -18.90 -16.25 8.94
CA TYR C 78 -19.25 -16.96 10.17
C TYR C 78 -20.64 -17.56 9.99
N VAL C 79 -20.77 -18.87 10.14
CA VAL C 79 -22.05 -19.53 9.99
C VAL C 79 -22.81 -19.47 11.31
N MET C 80 -23.96 -18.79 11.31
CA MET C 80 -24.70 -18.64 12.56
C MET C 80 -25.69 -19.77 12.83
N GLU C 81 -26.30 -20.33 11.79
CA GLU C 81 -27.26 -21.42 11.94
C GLU C 81 -27.12 -22.35 10.75
N GLY C 82 -27.34 -23.64 11.00
CA GLY C 82 -27.42 -24.58 9.90
C GLY C 82 -26.07 -25.06 9.39
N ARG C 83 -26.06 -25.47 8.12
CA ARG C 83 -24.89 -26.08 7.50
C ARG C 83 -24.78 -25.61 6.06
N THR C 84 -23.54 -25.36 5.61
CA THR C 84 -23.30 -24.99 4.22
C THR C 84 -22.27 -25.91 3.60
N ARG C 85 -22.21 -25.88 2.28
CA ARG C 85 -21.09 -26.45 1.56
C ARG C 85 -20.54 -25.40 0.61
N ILE C 86 -19.24 -25.22 0.64
CA ILE C 86 -18.58 -24.23 -0.19
C ILE C 86 -17.70 -24.94 -1.21
N THR C 87 -17.50 -24.28 -2.35
CA THR C 87 -16.40 -24.64 -3.24
C THR C 87 -15.58 -23.39 -3.46
N LEU C 88 -14.27 -23.59 -3.66
CA LEU C 88 -13.31 -22.50 -3.74
C LEU C 88 -12.20 -22.91 -4.70
N THR C 89 -11.95 -22.11 -5.74
CA THR C 89 -10.98 -22.45 -6.77
C THR C 89 -9.92 -21.35 -6.85
N SER C 90 -8.65 -21.75 -6.83
CA SER C 90 -7.52 -20.84 -6.75
C SER C 90 -6.88 -20.63 -8.11
N PRO C 91 -6.03 -19.60 -8.26
CA PRO C 91 -5.27 -19.43 -9.51
C PRO C 91 -4.27 -20.53 -9.78
N GLU C 92 -3.94 -21.37 -8.81
CA GLU C 92 -3.15 -22.55 -9.10
C GLU C 92 -3.98 -23.66 -9.70
N GLY C 93 -5.28 -23.43 -9.88
CA GLY C 93 -6.12 -24.45 -10.47
C GLY C 93 -6.48 -25.55 -9.50
N LYS C 94 -6.41 -25.27 -8.21
CA LYS C 94 -6.76 -26.23 -7.18
C LYS C 94 -8.09 -25.85 -6.55
N VAL C 95 -8.74 -26.83 -5.92
CA VAL C 95 -10.08 -26.62 -5.42
C VAL C 95 -10.20 -27.12 -3.98
N GLU C 96 -11.05 -26.43 -3.23
CA GLU C 96 -11.42 -26.85 -1.88
C GLU C 96 -12.94 -26.98 -1.86
N ILE C 97 -13.43 -28.16 -1.49
CA ILE C 97 -14.85 -28.43 -1.36
C ILE C 97 -15.07 -28.91 0.07
N ALA C 98 -15.87 -28.17 0.84
CA ALA C 98 -15.89 -28.41 2.27
C ALA C 98 -17.26 -28.07 2.85
N ASP C 99 -17.61 -28.75 3.95
CA ASP C 99 -18.77 -28.41 4.76
C ASP C 99 -18.36 -27.39 5.81
N VAL C 100 -19.22 -26.39 6.04
CA VAL C 100 -19.05 -25.45 7.14
C VAL C 100 -20.36 -25.37 7.90
N ASP C 101 -20.35 -25.80 9.15
CA ASP C 101 -21.56 -25.78 9.97
C ASP C 101 -21.52 -24.62 10.96
N LYS C 102 -22.60 -24.50 11.73
CA LYS C 102 -22.72 -23.47 12.76
C LYS C 102 -21.45 -23.35 13.58
N GLY C 103 -20.96 -22.12 13.71
CA GLY C 103 -19.74 -21.82 14.41
C GLY C 103 -18.49 -21.87 13.56
N GLY C 104 -18.61 -22.27 12.30
CA GLY C 104 -17.47 -22.38 11.42
C GLY C 104 -17.27 -21.14 10.57
N LEU C 105 -16.06 -21.04 10.02
CA LEU C 105 -15.63 -19.93 9.18
C LEU C 105 -15.23 -20.42 7.80
N TRP C 106 -15.29 -19.51 6.84
CA TRP C 106 -14.49 -19.66 5.63
C TRP C 106 -13.81 -18.34 5.33
N TYR C 107 -12.72 -18.42 4.55
CA TYR C 107 -12.05 -17.25 4.03
C TYR C 107 -11.75 -17.49 2.55
N PHE C 108 -12.32 -16.65 1.69
CA PHE C 108 -12.07 -16.74 0.25
C PHE C 108 -11.15 -15.59 -0.16
N PRO C 109 -9.91 -15.87 -0.56
CA PRO C 109 -9.01 -14.78 -0.98
C PRO C 109 -9.58 -13.98 -2.14
N ARG C 110 -9.20 -12.69 -2.19
CA ARG C 110 -9.62 -11.78 -3.25
C ARG C 110 -9.54 -12.44 -4.62
N GLY C 111 -10.67 -12.49 -5.32
CA GLY C 111 -10.67 -12.93 -6.71
C GLY C 111 -10.71 -14.42 -6.94
N TRP C 112 -10.65 -15.23 -5.88
CA TRP C 112 -10.80 -16.67 -6.09
C TRP C 112 -12.28 -17.01 -6.30
N GLY C 113 -12.54 -17.96 -7.20
CA GLY C 113 -13.91 -18.31 -7.52
C GLY C 113 -14.53 -19.17 -6.42
N HIS C 114 -15.84 -18.99 -6.19
CA HIS C 114 -16.46 -19.74 -5.10
C HIS C 114 -17.97 -19.90 -5.29
N SER C 115 -18.54 -20.85 -4.54
CA SER C 115 -19.98 -21.01 -4.40
C SER C 115 -20.32 -21.40 -2.96
N ILE C 116 -21.59 -21.20 -2.58
CA ILE C 116 -22.09 -21.57 -1.26
C ILE C 116 -23.45 -22.22 -1.43
N GLU C 117 -23.64 -23.41 -0.85
CA GLU C 117 -24.91 -24.11 -0.92
C GLU C 117 -25.44 -24.38 0.49
N GLY C 118 -26.74 -24.19 0.68
CA GLY C 118 -27.37 -24.59 1.93
C GLY C 118 -27.57 -26.10 1.96
N ILE C 119 -27.12 -26.73 3.03
CA ILE C 119 -27.31 -28.17 3.23
C ILE C 119 -28.44 -28.36 4.26
N GLY C 120 -29.44 -29.17 3.90
CA GLY C 120 -30.59 -29.35 4.75
C GLY C 120 -30.25 -30.11 6.02
N PRO C 121 -31.25 -30.25 6.92
CA PRO C 121 -32.68 -29.96 6.72
C PRO C 121 -33.10 -28.53 7.04
N ASP C 122 -32.29 -27.73 7.71
CA ASP C 122 -32.70 -26.42 8.15
C ASP C 122 -32.13 -25.34 7.24
N THR C 123 -32.64 -24.12 7.42
CA THR C 123 -32.10 -22.95 6.72
C THR C 123 -30.69 -22.64 7.23
N ALA C 124 -29.75 -22.44 6.30
CA ALA C 124 -28.42 -21.94 6.65
C ALA C 124 -28.48 -20.41 6.76
N LYS C 125 -27.94 -19.87 7.84
CA LYS C 125 -27.84 -18.42 8.02
C LYS C 125 -26.39 -18.07 8.36
N PHE C 126 -25.83 -17.09 7.63
CA PHE C 126 -24.43 -16.79 7.86
C PHE C 126 -24.15 -15.32 7.59
N LEU C 127 -23.03 -14.86 8.15
CA LEU C 127 -22.53 -13.52 7.97
C LEU C 127 -21.30 -13.56 7.09
N LEU C 128 -21.20 -12.62 6.15
CA LEU C 128 -20.02 -12.44 5.32
C LEU C 128 -19.47 -11.04 5.58
N VAL C 129 -18.17 -10.96 5.84
CA VAL C 129 -17.50 -9.69 6.10
C VAL C 129 -16.39 -9.54 5.07
N PHE C 130 -16.37 -8.39 4.40
CA PHE C 130 -15.50 -8.14 3.26
C PHE C 130 -14.53 -7.03 3.62
N ASN C 131 -13.25 -7.20 3.26
CA ASN C 131 -12.28 -6.16 3.62
C ASN C 131 -12.25 -4.98 2.64
N ASP C 132 -13.44 -4.56 2.21
N ASP C 132 -13.42 -4.59 2.15
CA ASP C 132 -13.62 -3.35 1.41
CA ASP C 132 -13.61 -3.34 1.43
C ASP C 132 -15.00 -2.82 1.81
C ASP C 132 -14.98 -2.82 1.81
N GLY C 133 -15.03 -1.67 2.46
CA GLY C 133 -16.31 -1.15 2.95
C GLY C 133 -17.31 -0.78 1.87
N THR C 134 -16.88 -0.67 0.60
CA THR C 134 -17.80 -0.40 -0.48
C THR C 134 -18.37 -1.65 -1.11
N PHE C 135 -18.01 -2.84 -0.60
CA PHE C 135 -18.43 -4.07 -1.23
C PHE C 135 -19.96 -4.19 -1.23
N SER C 136 -20.49 -4.67 -2.35
CA SER C 136 -21.92 -4.90 -2.52
C SER C 136 -22.14 -6.26 -3.18
N GLU C 137 -23.08 -7.05 -2.63
CA GLU C 137 -23.49 -8.30 -3.28
C GLU C 137 -24.07 -8.07 -4.67
N GLY C 138 -24.48 -6.85 -4.99
CA GLY C 138 -24.96 -6.58 -6.32
C GLY C 138 -23.87 -6.38 -7.35
N ALA C 139 -22.62 -6.35 -6.89
CA ALA C 139 -21.47 -6.02 -7.72
C ALA C 139 -20.47 -7.18 -7.82
N THR C 140 -20.94 -8.42 -7.62
CA THR C 140 -20.04 -9.54 -7.80
C THR C 140 -20.02 -9.98 -9.25
N PHE C 141 -18.99 -10.72 -9.61
CA PHE C 141 -18.82 -11.20 -10.97
C PHE C 141 -19.42 -12.60 -11.04
N SER C 142 -20.58 -12.72 -11.69
CA SER C 142 -21.37 -13.94 -11.74
C SER C 142 -21.03 -14.75 -12.99
N VAL C 143 -20.88 -16.07 -12.84
CA VAL C 143 -20.54 -16.87 -14.01
C VAL C 143 -21.69 -16.89 -15.00
N THR C 144 -22.93 -16.79 -14.53
CA THR C 144 -24.07 -16.81 -15.45
C THR C 144 -24.27 -15.46 -16.14
N ASP C 145 -24.04 -14.37 -15.40
CA ASP C 145 -23.90 -13.06 -16.02
C ASP C 145 -22.79 -13.08 -17.07
N TRP C 146 -21.65 -13.68 -16.72
CA TRP C 146 -20.49 -13.68 -17.62
C TRP C 146 -20.84 -14.33 -18.95
N LEU C 147 -21.32 -15.57 -18.92
CA LEU C 147 -21.54 -16.28 -20.17
C LEU C 147 -22.70 -15.71 -20.97
N SER C 148 -23.65 -15.02 -20.32
CA SER C 148 -24.71 -14.36 -21.07
C SER C 148 -24.29 -12.99 -21.59
N HIS C 149 -23.09 -12.52 -21.22
CA HIS C 149 -22.57 -11.24 -21.67
C HIS C 149 -21.22 -11.43 -22.38
N THR C 150 -21.09 -12.54 -23.09
CA THR C 150 -20.00 -12.90 -23.98
C THR C 150 -20.59 -13.24 -25.34
N PRO C 151 -19.92 -12.93 -26.46
CA PRO C 151 -20.48 -13.32 -27.75
C PRO C 151 -20.77 -14.82 -27.79
N ILE C 152 -21.97 -15.17 -28.24
CA ILE C 152 -22.39 -16.57 -28.27
C ILE C 152 -21.39 -17.43 -29.05
N ALA C 153 -20.91 -16.91 -30.18
CA ALA C 153 -19.96 -17.68 -30.98
C ALA C 153 -18.68 -17.99 -30.21
N TRP C 154 -18.28 -17.09 -29.29
CA TRP C 154 -17.08 -17.35 -28.50
C TRP C 154 -17.37 -18.33 -27.37
N VAL C 155 -18.58 -18.29 -26.80
CA VAL C 155 -18.94 -19.30 -25.81
C VAL C 155 -18.99 -20.67 -26.46
N GLU C 156 -19.58 -20.75 -27.67
CA GLU C 156 -19.58 -22.01 -28.42
CA GLU C 156 -19.57 -22.00 -28.44
C GLU C 156 -18.16 -22.56 -28.56
N GLU C 157 -17.22 -21.72 -29.00
CA GLU C 157 -15.85 -22.16 -29.21
C GLU C 157 -15.19 -22.57 -27.90
N ASN C 158 -15.41 -21.80 -26.84
CA ASN C 158 -14.68 -22.05 -25.60
C ASN C 158 -15.21 -23.30 -24.91
N LEU C 159 -16.50 -23.59 -25.07
CA LEU C 159 -17.10 -24.80 -24.49
C LEU C 159 -17.13 -25.98 -25.45
N GLY C 160 -16.86 -25.78 -26.74
CA GLY C 160 -17.06 -26.85 -27.69
C GLY C 160 -18.53 -27.21 -27.82
N TRP C 161 -19.42 -26.22 -27.76
CA TRP C 161 -20.85 -26.41 -27.77
C TRP C 161 -21.46 -25.82 -29.04
N THR C 162 -22.66 -26.32 -29.38
CA THR C 162 -23.45 -25.75 -30.47
C THR C 162 -24.22 -24.53 -29.98
N ALA C 163 -24.80 -23.81 -30.94
CA ALA C 163 -25.66 -22.68 -30.57
C ALA C 163 -26.84 -23.14 -29.72
N ALA C 164 -27.39 -24.31 -30.06
CA ALA C 164 -28.54 -24.83 -29.31
C ALA C 164 -28.17 -25.24 -27.89
N GLN C 165 -26.93 -25.70 -27.67
CA GLN C 165 -26.51 -25.98 -26.30
C GLN C 165 -26.32 -24.69 -25.52
N VAL C 166 -25.62 -23.72 -26.12
CA VAL C 166 -25.39 -22.45 -25.43
C VAL C 166 -26.71 -21.77 -25.11
N ALA C 167 -27.72 -21.94 -25.96
CA ALA C 167 -29.02 -21.30 -25.75
C ALA C 167 -29.72 -21.80 -24.48
N GLN C 168 -29.30 -22.93 -23.92
CA GLN C 168 -29.90 -23.42 -22.68
C GLN C 168 -29.35 -22.75 -21.42
N LEU C 169 -28.26 -21.99 -21.54
CA LEU C 169 -27.67 -21.30 -20.41
C LEU C 169 -28.52 -20.10 -19.99
N PRO C 170 -28.33 -19.58 -18.78
CA PRO C 170 -29.13 -18.43 -18.34
C PRO C 170 -28.86 -17.21 -19.19
N LYS C 171 -29.88 -16.35 -19.30
CA LYS C 171 -29.78 -15.12 -20.08
C LYS C 171 -29.38 -13.92 -19.24
N LYS C 172 -29.19 -14.10 -17.94
CA LYS C 172 -28.81 -13.01 -17.04
C LYS C 172 -28.23 -13.62 -15.78
N GLN C 173 -27.76 -12.75 -14.87
CA GLN C 173 -27.21 -13.19 -13.60
C GLN C 173 -28.26 -13.96 -12.78
N VAL C 174 -27.91 -15.18 -12.37
CA VAL C 174 -28.82 -16.02 -11.59
C VAL C 174 -28.81 -15.61 -10.12
N TYR C 175 -27.63 -15.31 -9.57
CA TYR C 175 -27.40 -14.89 -8.19
C TYR C 175 -27.63 -16.02 -7.18
N ILE C 176 -28.88 -16.42 -6.97
CA ILE C 176 -29.22 -17.54 -6.09
C ILE C 176 -30.16 -18.46 -6.87
N SER C 177 -29.92 -19.76 -6.81
CA SER C 177 -30.70 -20.72 -7.58
C SER C 177 -31.21 -21.84 -6.69
N SER C 178 -32.44 -22.27 -6.95
CA SER C 178 -33.02 -23.47 -6.36
C SER C 178 -33.38 -24.49 -7.43
N TYR C 179 -32.79 -24.33 -8.62
CA TYR C 179 -33.10 -25.23 -9.72
C TYR C 179 -32.72 -26.67 -9.40
N GLY C 180 -31.58 -26.86 -8.74
CA GLY C 180 -31.15 -28.18 -8.34
C GLY C 180 -30.19 -28.81 -9.31
N PRO C 181 -29.73 -30.02 -8.98
CA PRO C 181 -30.11 -30.80 -7.81
C PRO C 181 -29.39 -30.34 -6.55
N ALA C 182 -29.98 -30.59 -5.39
CA ALA C 182 -29.25 -30.46 -4.15
C ALA C 182 -28.04 -31.38 -4.16
N SER C 183 -26.95 -30.93 -3.57
CA SER C 183 -25.73 -31.73 -3.53
C SER C 183 -25.90 -32.89 -2.56
N GLY C 184 -25.16 -33.96 -2.81
CA GLY C 184 -25.19 -35.12 -1.95
C GLY C 184 -24.13 -35.05 -0.87
N PRO C 185 -23.71 -36.23 -0.37
CA PRO C 185 -22.70 -36.23 0.70
C PRO C 185 -21.37 -35.70 0.20
N LEU C 186 -20.60 -35.15 1.14
CA LEU C 186 -19.34 -34.48 0.78
C LEU C 186 -18.40 -35.43 0.02
N ALA C 187 -18.33 -36.69 0.44
CA ALA C 187 -17.41 -37.62 -0.21
C ALA C 187 -17.77 -37.86 -1.68
N SER C 188 -18.99 -37.55 -2.07
CA SER C 188 -19.44 -37.72 -3.45
C SER C 188 -19.39 -36.44 -4.27
N ALA C 189 -18.96 -35.34 -3.66
CA ALA C 189 -18.94 -34.03 -4.32
C ALA C 189 -17.61 -33.84 -5.05
N THR C 190 -17.43 -34.63 -6.11
CA THR C 190 -16.16 -34.70 -6.83
C THR C 190 -16.15 -33.74 -8.02
N PRO C 191 -15.04 -33.04 -8.24
CA PRO C 191 -14.92 -32.20 -9.44
C PRO C 191 -15.24 -32.98 -10.69
N GLN C 192 -15.95 -32.32 -11.61
CA GLN C 192 -16.30 -32.96 -12.89
C GLN C 192 -15.05 -33.35 -13.65
N GLY C 193 -14.01 -32.52 -13.61
CA GLY C 193 -12.73 -32.82 -14.23
C GLY C 193 -11.65 -32.98 -13.17
N GLN C 194 -10.62 -33.75 -13.50
CA GLN C 194 -9.53 -33.98 -12.56
C GLN C 194 -8.93 -32.67 -12.08
N THR C 195 -9.00 -32.43 -10.76
CA THR C 195 -8.54 -31.18 -10.17
C THR C 195 -7.80 -31.48 -8.87
N ALA C 196 -6.58 -30.98 -8.76
CA ALA C 196 -5.83 -31.11 -7.50
C ALA C 196 -6.52 -30.31 -6.40
N LYS C 197 -6.30 -30.74 -5.16
CA LYS C 197 -6.99 -30.15 -4.02
C LYS C 197 -6.11 -29.12 -3.30
N ILE C 198 -6.75 -28.03 -2.88
CA ILE C 198 -6.11 -27.06 -2.00
C ILE C 198 -5.77 -27.75 -0.68
N GLU C 199 -4.54 -27.54 -0.21
CA GLU C 199 -4.10 -28.19 1.02
C GLU C 199 -4.12 -27.27 2.24
N VAL C 200 -3.90 -25.97 2.05
CA VAL C 200 -4.04 -25.03 3.16
C VAL C 200 -5.52 -24.84 3.45
N PRO C 201 -6.00 -25.12 4.66
CA PRO C 201 -7.45 -25.00 4.91
C PRO C 201 -7.92 -23.56 4.75
N HIS C 202 -9.07 -23.40 4.08
CA HIS C 202 -9.75 -22.12 4.04
C HIS C 202 -11.09 -22.18 4.74
N THR C 203 -11.31 -23.19 5.58
CA THR C 203 -12.40 -23.20 6.55
C THR C 203 -11.81 -23.49 7.93
N HIS C 204 -12.60 -23.21 8.97
CA HIS C 204 -12.09 -23.23 10.33
C HIS C 204 -13.27 -23.30 11.30
N ASN C 205 -13.05 -23.92 12.46
CA ASN C 205 -14.06 -24.00 13.50
C ASN C 205 -13.73 -23.00 14.59
N LEU C 206 -14.46 -21.87 14.62
CA LEU C 206 -14.23 -20.83 15.63
C LEU C 206 -14.97 -21.12 16.93
N LEU C 207 -16.27 -21.42 16.84
CA LEU C 207 -17.06 -21.62 18.05
C LEU C 207 -16.52 -22.79 18.89
N GLY C 208 -15.93 -23.79 18.23
CA GLY C 208 -15.42 -24.96 18.91
C GLY C 208 -14.08 -24.78 19.60
N GLN C 209 -13.39 -23.67 19.36
CA GLN C 209 -12.14 -23.38 20.05
C GLN C 209 -12.37 -23.25 21.54
N GLN C 210 -11.35 -23.57 22.32
CA GLN C 210 -11.33 -23.18 23.72
C GLN C 210 -11.12 -21.67 23.78
N PRO C 211 -11.68 -20.99 24.79
CA PRO C 211 -11.48 -19.54 24.87
C PRO C 211 -10.01 -19.20 25.00
N LEU C 212 -9.60 -18.15 24.27
CA LEU C 212 -8.28 -17.56 24.50
C LEU C 212 -8.21 -16.94 25.89
N VAL C 213 -9.29 -16.31 26.31
CA VAL C 213 -9.38 -15.64 27.61
C VAL C 213 -10.74 -15.96 28.21
N SER C 214 -10.76 -16.24 29.51
CA SER C 214 -12.00 -16.54 30.20
CA SER C 214 -11.99 -16.56 30.21
C SER C 214 -11.90 -15.98 31.61
N LEU C 215 -12.93 -15.24 32.02
CA LEU C 215 -12.97 -14.66 33.35
C LEU C 215 -14.42 -14.54 33.82
N GLY C 216 -14.77 -15.25 34.88
CA GLY C 216 -16.11 -15.12 35.46
C GLY C 216 -17.24 -15.39 34.48
N GLY C 217 -17.07 -16.37 33.61
CA GLY C 217 -18.07 -16.68 32.59
C GLY C 217 -17.97 -15.87 31.32
N ASN C 218 -17.13 -14.82 31.30
CA ASN C 218 -16.93 -14.02 30.10
C ASN C 218 -15.80 -14.64 29.29
N GLU C 219 -16.00 -14.74 27.97
CA GLU C 219 -15.10 -15.53 27.14
C GLU C 219 -14.80 -14.83 25.83
N LEU C 220 -13.56 -14.97 25.36
CA LEU C 220 -13.14 -14.51 24.05
C LEU C 220 -12.53 -15.69 23.31
N ARG C 221 -13.09 -16.01 22.15
CA ARG C 221 -12.51 -16.98 21.23
C ARG C 221 -11.98 -16.22 20.02
N LEU C 222 -10.74 -16.49 19.64
CA LEU C 222 -10.05 -15.68 18.64
C LEU C 222 -9.51 -16.55 17.51
N ALA C 223 -9.85 -16.19 16.28
CA ALA C 223 -9.27 -16.83 15.08
C ALA C 223 -8.54 -15.75 14.30
N SER C 224 -7.27 -15.54 14.63
CA SER C 224 -6.38 -14.72 13.82
C SER C 224 -5.63 -15.63 12.86
N ALA C 225 -4.66 -15.10 12.13
CA ALA C 225 -3.87 -15.95 11.23
C ALA C 225 -3.03 -16.97 11.98
N LYS C 226 -2.84 -16.81 13.29
CA LYS C 226 -2.16 -17.84 14.07
C LYS C 226 -3.03 -19.10 14.15
N GLU C 227 -4.32 -18.93 14.44
CA GLU C 227 -5.24 -20.06 14.53
C GLU C 227 -5.73 -20.52 13.17
N PHE C 228 -5.79 -19.62 12.20
CA PHE C 228 -6.45 -19.87 10.92
C PHE C 228 -5.60 -19.19 9.83
N PRO C 229 -4.46 -19.79 9.49
CA PRO C 229 -3.52 -19.07 8.59
C PRO C 229 -4.07 -18.83 7.20
N GLY C 230 -5.03 -19.63 6.72
CA GLY C 230 -5.65 -19.34 5.43
C GLY C 230 -6.27 -17.96 5.38
N SER C 231 -6.81 -17.49 6.50
CA SER C 231 -7.35 -16.13 6.61
C SER C 231 -6.19 -15.18 6.96
N PHE C 232 -5.33 -14.94 5.96
CA PHE C 232 -4.02 -14.38 6.27
C PHE C 232 -4.08 -12.91 6.68
N ASN C 233 -5.11 -12.18 6.26
CA ASN C 233 -5.16 -10.74 6.56
C ASN C 233 -6.47 -10.31 7.21
N MET C 234 -7.24 -11.27 7.74
CA MET C 234 -8.39 -10.95 8.58
C MET C 234 -8.47 -11.85 9.79
N THR C 235 -9.09 -11.32 10.83
CA THR C 235 -9.21 -11.98 12.12
C THR C 235 -10.65 -11.88 12.57
N GLY C 236 -11.18 -12.95 13.17
CA GLY C 236 -12.50 -12.90 13.76
C GLY C 236 -12.47 -13.39 15.20
N ALA C 237 -13.44 -12.93 15.98
CA ALA C 237 -13.50 -13.34 17.37
C ALA C 237 -14.95 -13.43 17.82
N LEU C 238 -15.22 -14.34 18.77
CA LEU C 238 -16.50 -14.44 19.44
C LEU C 238 -16.33 -13.94 20.87
N ILE C 239 -17.16 -13.00 21.29
CA ILE C 239 -17.14 -12.50 22.66
C ILE C 239 -18.44 -12.86 23.34
N HIS C 240 -18.35 -13.46 24.52
CA HIS C 240 -19.51 -13.74 25.36
C HIS C 240 -19.38 -12.92 26.64
N LEU C 241 -20.38 -12.10 26.93
CA LEU C 241 -20.37 -11.24 28.11
C LEU C 241 -21.56 -11.57 28.99
N GLU C 242 -21.29 -11.80 30.26
CA GLU C 242 -22.33 -12.01 31.27
C GLU C 242 -22.93 -10.68 31.69
N PRO C 243 -24.11 -10.69 32.29
CA PRO C 243 -24.74 -9.44 32.73
C PRO C 243 -23.82 -8.62 33.62
N GLY C 244 -23.68 -7.34 33.27
CA GLY C 244 -22.87 -6.42 34.04
C GLY C 244 -21.40 -6.42 33.72
N ALA C 245 -20.91 -7.39 32.96
CA ALA C 245 -19.48 -7.47 32.66
C ALA C 245 -19.14 -6.62 31.46
N MET C 246 -17.84 -6.30 31.34
CA MET C 246 -17.39 -5.55 30.17
C MET C 246 -16.11 -6.13 29.59
N ARG C 247 -15.93 -5.94 28.29
CA ARG C 247 -14.60 -6.00 27.70
C ARG C 247 -13.91 -4.67 27.99
N GLN C 248 -12.72 -4.73 28.57
CA GLN C 248 -12.06 -3.53 29.08
C GLN C 248 -11.72 -2.54 27.95
N LEU C 249 -11.52 -1.29 28.37
CA LEU C 249 -11.02 -0.23 27.49
C LEU C 249 -9.72 -0.64 26.79
N HIS C 250 -9.69 -0.47 25.47
CA HIS C 250 -8.51 -0.80 24.70
C HIS C 250 -8.56 -0.08 23.35
N TRP C 251 -7.48 -0.19 22.60
CA TRP C 251 -7.50 0.18 21.19
C TRP C 251 -6.68 -0.81 20.38
N HIS C 252 -6.91 -0.78 19.06
CA HIS C 252 -6.17 -1.60 18.10
C HIS C 252 -5.26 -0.70 17.28
N PRO C 253 -3.94 -0.86 17.38
CA PRO C 253 -3.03 -0.01 16.59
C PRO C 253 -3.10 -0.26 15.09
N ASN C 254 -3.59 -1.43 14.65
CA ASN C 254 -3.35 -1.87 13.29
C ASN C 254 -4.60 -2.24 12.50
N ALA C 255 -5.79 -2.10 13.07
CA ALA C 255 -6.97 -2.63 12.38
C ALA C 255 -8.23 -1.89 12.81
N ASP C 256 -9.17 -1.79 11.87
CA ASP C 256 -10.56 -1.48 12.14
C ASP C 256 -11.27 -2.70 12.68
N GLU C 257 -12.36 -2.46 13.41
CA GLU C 257 -13.13 -3.52 14.06
C GLU C 257 -14.59 -3.41 13.64
N TRP C 258 -15.12 -4.49 13.07
CA TRP C 258 -16.52 -4.58 12.65
C TRP C 258 -17.24 -5.56 13.56
N GLN C 259 -18.45 -5.21 14.00
CA GLN C 259 -19.13 -5.96 15.07
C GLN C 259 -20.56 -6.31 14.69
N TYR C 260 -21.01 -7.49 15.11
CA TYR C 260 -22.39 -7.90 14.90
C TYR C 260 -22.93 -8.59 16.16
N VAL C 261 -24.12 -8.20 16.61
CA VAL C 261 -24.70 -8.75 17.84
C VAL C 261 -25.44 -10.05 17.51
N LEU C 262 -24.87 -11.17 17.96
CA LEU C 262 -25.52 -12.47 17.70
C LEU C 262 -26.74 -12.66 18.56
N ASP C 263 -26.69 -12.27 19.82
CA ASP C 263 -27.86 -12.29 20.69
C ASP C 263 -27.60 -11.38 21.87
N GLY C 264 -28.66 -10.88 22.46
CA GLY C 264 -28.55 -9.99 23.59
C GLY C 264 -28.56 -8.53 23.16
N GLU C 265 -28.13 -7.68 24.10
CA GLU C 265 -28.17 -6.24 23.97
C GLU C 265 -26.80 -5.70 24.38
N MET C 266 -26.15 -4.95 23.50
CA MET C 266 -24.76 -4.58 23.71
C MET C 266 -24.61 -3.07 23.81
N ASP C 267 -23.82 -2.61 24.79
CA ASP C 267 -23.43 -1.21 24.89
C ASP C 267 -22.01 -1.04 24.37
N LEU C 268 -21.81 -0.04 23.51
CA LEU C 268 -20.51 0.24 22.91
C LEU C 268 -20.17 1.69 23.20
N THR C 269 -18.94 1.94 23.67
CA THR C 269 -18.44 3.30 23.76
C THR C 269 -17.20 3.44 22.89
N VAL C 270 -17.09 4.59 22.22
CA VAL C 270 -16.02 4.84 21.25
C VAL C 270 -15.45 6.22 21.56
N PHE C 271 -14.14 6.29 21.73
CA PHE C 271 -13.43 7.54 22.01
C PHE C 271 -12.58 7.91 20.80
N ALA C 272 -12.79 9.12 20.28
CA ALA C 272 -12.29 9.51 18.97
C ALA C 272 -11.22 10.59 19.00
N SER C 273 -10.65 10.88 20.18
CA SER C 273 -9.72 11.98 20.44
C SER C 273 -10.41 13.35 20.37
N GLU C 274 -9.65 14.41 20.66
CA GLU C 274 -10.15 15.78 20.56
C GLU C 274 -11.41 16.00 21.39
N GLY C 275 -11.51 15.30 22.53
CA GLY C 275 -12.66 15.50 23.41
C GLY C 275 -13.98 15.01 22.85
N LYS C 276 -13.95 14.05 21.93
CA LYS C 276 -15.15 13.54 21.28
C LYS C 276 -15.31 12.06 21.58
N ALA C 277 -16.55 11.66 21.89
CA ALA C 277 -16.82 10.26 22.17
C ALA C 277 -18.30 9.98 22.03
N SER C 278 -18.63 8.68 21.95
CA SER C 278 -19.99 8.22 21.73
C SER C 278 -20.27 7.05 22.66
N VAL C 279 -21.54 6.82 22.96
CA VAL C 279 -21.99 5.57 23.57
C VAL C 279 -23.34 5.21 22.98
N SER C 280 -23.50 3.94 22.60
CA SER C 280 -24.70 3.50 21.89
C SER C 280 -25.06 2.08 22.33
N ARG C 281 -26.34 1.77 22.22
CA ARG C 281 -26.85 0.43 22.55
C ARG C 281 -27.24 -0.27 21.25
N LEU C 282 -26.78 -1.51 21.09
CA LEU C 282 -27.03 -2.31 19.88
C LEU C 282 -27.95 -3.47 20.24
N GLN C 283 -28.96 -3.71 19.41
CA GLN C 283 -29.87 -4.84 19.57
C GLN C 283 -29.34 -6.04 18.78
N GLN C 284 -29.94 -7.22 19.00
CA GLN C 284 -29.58 -8.40 18.22
C GLN C 284 -29.70 -8.10 16.73
N GLY C 285 -28.65 -8.42 15.99
CA GLY C 285 -28.64 -8.20 14.56
C GLY C 285 -28.14 -6.84 14.13
N ASP C 286 -27.83 -5.95 15.07
CA ASP C 286 -27.26 -4.64 14.76
C ASP C 286 -25.74 -4.74 14.64
N VAL C 287 -25.13 -3.69 14.10
CA VAL C 287 -23.73 -3.70 13.69
C VAL C 287 -23.02 -2.50 14.31
N GLY C 288 -21.76 -2.70 14.69
CA GLY C 288 -20.89 -1.64 15.16
C GLY C 288 -19.61 -1.54 14.34
N TYR C 289 -18.94 -0.39 14.38
CA TYR C 289 -17.67 -0.24 13.68
C TYR C 289 -16.78 0.70 14.46
N VAL C 290 -15.58 0.23 14.79
CA VAL C 290 -14.62 1.05 15.53
C VAL C 290 -13.41 1.31 14.65
N PRO C 291 -13.21 2.54 14.20
CA PRO C 291 -12.02 2.84 13.39
C PRO C 291 -10.72 2.55 14.10
N LYS C 292 -9.73 2.11 13.32
CA LYS C 292 -8.38 1.87 13.81
C LYS C 292 -7.91 2.96 14.76
N GLY C 293 -7.42 2.54 15.92
CA GLY C 293 -6.83 3.45 16.88
C GLY C 293 -7.81 4.08 17.85
N TYR C 294 -9.12 4.02 17.58
CA TYR C 294 -10.06 4.65 18.50
C TYR C 294 -10.18 3.82 19.77
N GLY C 295 -10.23 4.49 20.91
CA GLY C 295 -10.43 3.78 22.17
C GLY C 295 -11.86 3.25 22.26
N HIS C 296 -12.01 2.05 22.83
CA HIS C 296 -13.37 1.55 22.94
C HIS C 296 -13.48 0.51 24.04
N ALA C 297 -14.72 0.27 24.46
CA ALA C 297 -15.06 -0.77 25.41
C ALA C 297 -16.46 -1.26 25.10
N ILE C 298 -16.77 -2.48 25.54
CA ILE C 298 -18.08 -3.09 25.32
C ILE C 298 -18.60 -3.55 26.67
N ARG C 299 -19.87 -3.24 26.96
CA ARG C 299 -20.45 -3.64 28.23
C ARG C 299 -21.79 -4.31 28.01
N ASN C 300 -22.06 -5.35 28.79
CA ASN C 300 -23.40 -5.94 28.86
C ASN C 300 -24.11 -5.27 30.03
N SER C 301 -24.98 -4.31 29.74
CA SER C 301 -25.74 -3.61 30.77
C SER C 301 -27.12 -4.21 30.99
N SER C 302 -27.39 -5.40 30.44
CA SER C 302 -28.68 -6.04 30.52
C SER C 302 -28.70 -7.11 31.61
N GLN C 303 -29.79 -7.85 31.70
CA GLN C 303 -29.94 -8.96 32.64
C GLN C 303 -29.80 -10.32 31.95
N LYS C 304 -29.38 -10.35 30.69
CA LYS C 304 -29.33 -11.55 29.89
C LYS C 304 -27.95 -11.66 29.26
N PRO C 305 -27.55 -12.85 28.80
CA PRO C 305 -26.25 -12.98 28.13
C PRO C 305 -26.16 -12.14 26.87
N LEU C 306 -24.92 -11.83 26.50
CA LEU C 306 -24.60 -11.11 25.26
C LEU C 306 -23.55 -11.91 24.49
N ASP C 307 -23.77 -12.11 23.19
CA ASP C 307 -22.79 -12.77 22.33
C ASP C 307 -22.61 -11.94 21.07
N ILE C 308 -21.35 -11.66 20.71
CA ILE C 308 -21.08 -10.85 19.54
C ILE C 308 -19.95 -11.51 18.75
N VAL C 309 -19.93 -11.23 17.45
CA VAL C 309 -18.80 -11.59 16.60
C VAL C 309 -18.16 -10.27 16.15
N VAL C 310 -16.84 -10.20 16.23
CA VAL C 310 -16.12 -9.02 15.79
C VAL C 310 -15.06 -9.46 14.78
N VAL C 311 -14.79 -8.60 13.80
CA VAL C 311 -13.93 -8.94 12.68
C VAL C 311 -12.96 -7.79 12.46
N PHE C 312 -11.70 -8.12 12.16
CA PHE C 312 -10.65 -7.14 11.97
C PHE C 312 -10.04 -7.31 10.59
N ASN C 313 -9.68 -6.18 9.96
CA ASN C 313 -9.04 -6.23 8.65
C ASN C 313 -7.52 -6.31 8.77
N ASP C 314 -7.05 -7.17 9.67
CA ASP C 314 -5.64 -7.55 9.75
C ASP C 314 -5.57 -8.97 10.30
N GLY C 315 -4.60 -9.76 9.83
CA GLY C 315 -4.45 -11.12 10.33
C GLY C 315 -3.73 -11.25 11.65
N ASP C 316 -3.25 -10.14 12.21
CA ASP C 316 -2.51 -10.17 13.47
C ASP C 316 -3.31 -9.35 14.48
N TYR C 317 -3.89 -10.03 15.47
CA TYR C 317 -4.70 -9.35 16.47
C TYR C 317 -3.79 -8.56 17.38
N GLN C 318 -3.97 -7.24 17.40
CA GLN C 318 -3.17 -6.36 18.25
C GLN C 318 -4.11 -5.53 19.10
N SER C 319 -3.96 -5.63 20.42
CA SER C 319 -4.79 -4.84 21.33
C SER C 319 -3.88 -4.31 22.43
N ILE C 320 -4.04 -3.04 22.76
CA ILE C 320 -3.42 -2.48 23.96
C ILE C 320 -4.56 -2.13 24.90
N ASP C 321 -4.69 -2.88 25.99
CA ASP C 321 -5.67 -2.55 27.02
C ASP C 321 -5.16 -1.40 27.88
N LEU C 322 -6.09 -0.52 28.27
CA LEU C 322 -5.75 0.52 29.24
C LEU C 322 -5.00 -0.04 30.44
N SER C 323 -5.46 -1.18 30.98
CA SER C 323 -4.86 -1.72 32.19
C SER C 323 -3.41 -2.11 31.95
N THR C 324 -3.13 -2.80 30.84
CA THR C 324 -1.75 -3.12 30.48
C THR C 324 -0.91 -1.86 30.40
N TRP C 325 -1.43 -0.85 29.71
CA TRP C 325 -0.68 0.38 29.49
C TRP C 325 -0.34 1.05 30.81
N LEU C 326 -1.33 1.22 31.67
CA LEU C 326 -1.06 1.90 32.94
C LEU C 326 -0.18 1.05 33.85
N ALA C 327 -0.37 -0.29 33.84
CA ALA C 327 0.49 -1.14 34.65
C ALA C 327 1.93 -1.08 34.18
N SER C 328 2.15 -0.81 32.89
CA SER C 328 3.51 -0.82 32.37
C SER C 328 4.29 0.44 32.74
N ASN C 329 3.62 1.46 33.31
CA ASN C 329 4.32 2.72 33.56
C ASN C 329 4.67 2.89 35.03
N PRO C 330 5.72 3.67 35.32
CA PRO C 330 6.08 3.92 36.72
C PRO C 330 5.16 4.94 37.38
N SER C 331 5.19 4.92 38.71
CA SER C 331 4.28 5.77 39.50
C SER C 331 4.37 7.23 39.12
N SER C 332 5.58 7.75 38.92
CA SER C 332 5.73 9.19 38.67
C SER C 332 5.04 9.60 37.37
N VAL C 333 5.21 8.81 36.32
CA VAL C 333 4.57 9.09 35.03
C VAL C 333 3.06 9.12 35.19
N LEU C 334 2.50 8.15 35.93
CA LEU C 334 1.06 8.09 36.11
C LEU C 334 0.55 9.24 36.96
N GLY C 335 1.21 9.54 38.08
CA GLY C 335 0.76 10.62 38.95
C GLY C 335 0.82 11.97 38.26
N ASN C 336 1.86 12.18 37.45
CA ASN C 336 2.03 13.44 36.73
C ASN C 336 1.03 13.55 35.59
N THR C 337 0.79 12.46 34.86
CA THR C 337 -0.20 12.44 33.80
C THR C 337 -1.60 12.71 34.33
N PHE C 338 -2.02 11.96 35.36
CA PHE C 338 -3.39 12.07 35.84
C PHE C 338 -3.55 13.15 36.90
N GLN C 339 -2.46 13.75 37.36
CA GLN C 339 -2.49 14.83 38.35
C GLN C 339 -3.26 14.39 39.59
N ILE C 340 -2.88 13.23 40.12
CA ILE C 340 -3.52 12.62 41.27
C ILE C 340 -2.48 12.38 42.36
N SER C 341 -2.97 12.08 43.56
CA SER C 341 -2.11 11.89 44.72
C SER C 341 -1.25 10.64 44.56
N PRO C 342 -0.10 10.59 45.25
CA PRO C 342 0.69 9.35 45.23
C PRO C 342 -0.09 8.15 45.71
N GLU C 343 -0.99 8.35 46.67
CA GLU C 343 -1.79 7.27 47.23
C GLU C 343 -2.74 6.69 46.19
N LEU C 344 -3.44 7.56 45.45
CA LEU C 344 -4.34 7.07 44.42
C LEU C 344 -3.57 6.49 43.24
N THR C 345 -2.41 7.07 42.92
CA THR C 345 -1.58 6.55 41.83
C THR C 345 -1.33 5.07 42.00
N LYS C 346 -1.00 4.64 43.22
CA LYS C 346 -0.70 3.25 43.52
C LYS C 346 -1.90 2.32 43.33
N LYS C 347 -3.11 2.86 43.23
CA LYS C 347 -4.31 2.05 43.04
C LYS C 347 -4.67 1.87 41.56
N LEU C 348 -3.87 2.43 40.64
CA LEU C 348 -4.07 2.20 39.22
C LEU C 348 -3.77 0.74 38.88
N PRO C 349 -4.14 0.27 37.69
CA PRO C 349 -4.07 -1.18 37.40
C PRO C 349 -2.64 -1.71 37.47
N VAL C 350 -2.51 -2.92 38.01
CA VAL C 350 -1.23 -3.63 37.99
C VAL C 350 -1.30 -4.91 37.19
N GLN C 351 -2.46 -5.24 36.64
CA GLN C 351 -2.61 -6.43 35.79
C GLN C 351 -3.77 -6.20 34.84
N ASP C 352 -3.81 -7.01 33.78
CA ASP C 352 -4.82 -6.90 32.73
C ASP C 352 -5.59 -8.21 32.65
N THR C 353 -6.88 -8.18 33.05
CA THR C 353 -7.70 -9.38 32.99
C THR C 353 -8.60 -9.44 31.76
N ILE C 354 -8.45 -8.49 30.82
CA ILE C 354 -9.14 -8.44 29.53
C ILE C 354 -10.61 -8.08 29.68
N PHE C 355 -11.30 -8.79 30.56
CA PHE C 355 -12.66 -8.44 30.98
C PHE C 355 -12.62 -7.80 32.36
N SER C 356 -13.67 -7.04 32.66
CA SER C 356 -13.89 -6.55 34.01
C SER C 356 -15.28 -7.00 34.48
N LEU C 357 -15.38 -7.27 35.79
CA LEU C 357 -16.57 -7.87 36.37
C LEU C 357 -17.37 -6.84 37.14
N PRO C 358 -18.69 -7.03 37.26
CA PRO C 358 -19.50 -6.04 37.98
C PRO C 358 -19.20 -6.09 39.46
N THR C 359 -19.00 -4.92 40.05
CA THR C 359 -18.69 -4.80 41.47
C THR C 359 -19.90 -5.10 42.34
NI NI D . 3.49 11.00 20.32
NI NI E . 18.99 14.05 -0.10
N GLY F . 19.87 15.76 0.88
CA GLY F . 20.97 15.29 1.70
C GLY F . 21.12 13.78 1.71
O GLY F . 22.19 13.27 2.06
OXT GLY F . 20.20 13.02 1.38
OH2 1PE G . -3.34 21.94 16.91
C12 1PE G . -2.13 22.44 17.46
C22 1PE G . -1.51 21.45 18.40
OH3 1PE G . -1.39 22.04 19.69
C13 1PE G . -2.92 20.92 21.15
C23 1PE G . -1.48 21.09 20.75
OH4 1PE G . -3.02 20.02 22.23
C14 1PE G . -5.12 20.56 23.22
C24 1PE G . -4.34 19.55 22.45
OH5 1PE G . -6.46 20.61 22.76
C15 1PE G . -7.04 22.88 22.57
C25 1PE G . -7.22 21.64 23.36
OH6 1PE G . -7.82 23.95 23.09
C16 1PE G . -5.96 25.33 22.67
C26 1PE G . -7.44 25.19 22.53
OH7 1PE G . -5.45 26.51 22.07
NI NI H . 12.71 5.88 -18.67
NI NI I . -5.68 -12.02 -19.41
N GLY J . -5.60 -11.94 -21.56
CA GLY J . -4.60 -12.88 -22.02
C GLY J . -3.86 -13.56 -20.88
O GLY J . -3.22 -14.58 -21.11
OXT GLY J . -3.87 -13.09 -19.72
C ACY K . 17.83 -10.00 -25.64
O ACY K . 18.19 -9.04 -26.35
OXT ACY K . 17.27 -11.08 -25.99
CH3 ACY K . 18.12 -9.88 -24.09
C ACY L . 24.51 10.04 -33.70
O ACY L . 23.48 9.68 -34.35
OXT ACY L . 24.79 9.86 -32.48
CH3 ACY L . 25.60 10.80 -34.52
NI NI M . -18.57 -14.13 -2.56
NI NI N . -11.60 -4.09 20.12
N GLY O . -13.47 -4.61 20.93
CA GLY O . -13.37 -5.98 21.40
C GLY O . -12.03 -6.63 21.14
O GLY O . -11.65 -7.58 21.83
OXT GLY O . -11.28 -6.21 20.24
#